data_8AD7
#
_entry.id   8AD7
#
_cell.length_a   138.910
_cell.length_b   138.910
_cell.length_c   142.590
_cell.angle_alpha   90.00
_cell.angle_beta   90.00
_cell.angle_gamma   120.00
#
_symmetry.space_group_name_H-M   'P 64'
#
loop_
_entity.id
_entity.type
_entity.pdbx_description
1 polymer 'Tryptophan 6-halogenase'
2 non-polymer 'PHOSPHATE ION'
3 non-polymer GLYCEROL
4 non-polymer D-TRYPTOPHAN
5 water water
#
_entity_poly.entity_id   1
_entity_poly.type   'polypeptide(L)'
_entity_poly.pdbx_seq_one_letter_code
;GAMGDNRIKTVVILGGGTAGWMTAAYLGKALQNTVKIVVLEAPTIPRIGVGEATVPNLQRAFFDYLGIPEEEWMRECNAS
YKMAVKFINWRTPGEGSPDPRTLDDGHTDTFHHPFGLLPSADQIPLSHYWAAKRLQGETDENFDEACFADTAIMNAKKAP
RFLDMRRATNYAWHFDASKVAAFLRNFAVTKQAVEHVEDEMTEVLTDERGFITALRTKSGRILQGDLFVDCSGFRGLLIN
KAMEEPFIDMSDHLLCNSAVATAVPHDDEKNGVEPYTSSIAMEAGWTWKIPMLGRFGSGHVYSDHFATQDEATLAFSKLW
GLDPDNTEFNHVRFRVGRNRRAWVRNCVSVGLASCFVEPLESSGIYFIYAAIHMLAKHFPDKTFDKVLVDRFNREIEEMF
DDTRDFLQAHYYFSPRVDTPFWRANKELKLADSIKDKVETYRAGLPVNLPVTDEGTYYGNFEAEFRNFWTNGSYYCIFAG
LGLMPRNPLPALAYKPQSIAEAELLFADVKRKGDTLVESLPSTYDLLRQLHGAS
;
_entity_poly.pdbx_strand_id   A,B
#
# COMPACT_ATOMS: atom_id res chain seq x y z
N ASP A 5 -32.55 -3.02 19.17
CA ASP A 5 -31.54 -3.98 18.57
C ASP A 5 -31.89 -4.19 17.10
N ASN A 6 -31.17 -3.49 16.21
CA ASN A 6 -31.37 -3.46 14.73
C ASN A 6 -30.41 -4.46 14.04
N ARG A 7 -29.73 -5.31 14.80
CA ARG A 7 -28.70 -6.22 14.25
C ARG A 7 -29.33 -7.27 13.35
N ILE A 8 -28.55 -7.75 12.39
CA ILE A 8 -28.74 -9.03 11.67
C ILE A 8 -28.84 -10.10 12.76
N LYS A 9 -29.84 -11.00 12.68
CA LYS A 9 -30.09 -12.05 13.71
C LYS A 9 -29.77 -13.41 13.09
N THR A 10 -30.08 -13.57 11.81
CA THR A 10 -29.89 -14.84 11.06
C THR A 10 -29.24 -14.54 9.71
N VAL A 11 -28.28 -15.38 9.37
CA VAL A 11 -27.57 -15.40 8.06
C VAL A 11 -27.89 -16.75 7.43
N VAL A 12 -28.39 -16.73 6.19
CA VAL A 12 -28.67 -17.93 5.39
C VAL A 12 -27.69 -17.94 4.21
N ILE A 13 -26.96 -19.03 4.09
CA ILE A 13 -25.92 -19.25 3.05
C ILE A 13 -26.50 -20.29 2.10
N LEU A 14 -26.74 -19.91 0.85
CA LEU A 14 -27.21 -20.85 -0.19
C LEU A 14 -25.99 -21.48 -0.85
N GLY A 15 -25.81 -22.80 -0.67
CA GLY A 15 -24.76 -23.59 -1.32
C GLY A 15 -23.70 -23.99 -0.31
N GLY A 16 -23.16 -25.20 -0.43
CA GLY A 16 -22.01 -25.63 0.40
C GLY A 16 -20.71 -25.51 -0.36
N GLY A 17 -19.99 -26.63 -0.51
CA GLY A 17 -18.62 -26.67 -1.06
C GLY A 17 -17.71 -25.75 -0.27
N THR A 18 -16.61 -25.33 -0.87
CA THR A 18 -15.60 -24.46 -0.23
C THR A 18 -16.22 -23.10 0.09
N ALA A 19 -16.96 -22.50 -0.84
CA ALA A 19 -17.45 -21.11 -0.69
C ALA A 19 -18.41 -21.05 0.49
N GLY A 20 -19.35 -22.01 0.55
CA GLY A 20 -20.40 -22.09 1.57
C GLY A 20 -19.83 -22.33 2.96
N TRP A 21 -19.02 -23.36 3.12
CA TRP A 21 -18.48 -23.81 4.43
C TRP A 21 -17.33 -22.90 4.91
N MET A 22 -16.60 -22.28 4.01
CA MET A 22 -15.59 -21.28 4.41
C MET A 22 -16.35 -20.06 4.96
N THR A 23 -17.41 -19.61 4.28
CA THR A 23 -18.25 -18.47 4.72
C THR A 23 -18.85 -18.77 6.09
N ALA A 24 -19.47 -19.96 6.22
CA ALA A 24 -20.14 -20.41 7.46
C ALA A 24 -19.12 -20.36 8.60
N ALA A 25 -17.98 -21.02 8.44
CA ALA A 25 -16.94 -21.18 9.49
C ALA A 25 -16.40 -19.81 9.87
N TYR A 26 -16.07 -18.98 8.88
CA TYR A 26 -15.43 -17.67 9.12
C TYR A 26 -16.41 -16.76 9.85
N LEU A 27 -17.65 -16.67 9.37
CA LEU A 27 -18.68 -15.83 10.08
C LEU A 27 -18.96 -16.41 11.47
N GLY A 28 -18.95 -17.72 11.64
CA GLY A 28 -19.07 -18.36 12.97
C GLY A 28 -18.10 -17.75 13.97
N LYS A 29 -16.83 -17.64 13.60
CA LYS A 29 -15.79 -17.05 14.50
C LYS A 29 -15.98 -15.53 14.56
N ALA A 30 -16.13 -14.87 13.41
CA ALA A 30 -16.15 -13.40 13.31
C ALA A 30 -17.29 -12.82 14.14
N LEU A 31 -18.46 -13.47 14.17
CA LEU A 31 -19.71 -12.86 14.74
C LEU A 31 -19.95 -13.36 16.17
N GLN A 32 -19.06 -14.21 16.69
CA GLN A 32 -18.90 -14.51 18.14
C GLN A 32 -20.23 -15.04 18.69
N ASN A 33 -20.93 -15.83 17.88
CA ASN A 33 -22.19 -16.53 18.21
C ASN A 33 -23.31 -15.55 18.57
N THR A 34 -23.25 -14.29 18.11
CA THR A 34 -24.36 -13.31 18.27
C THR A 34 -25.37 -13.44 17.13
N VAL A 35 -25.09 -14.31 16.17
CA VAL A 35 -25.90 -14.47 14.93
C VAL A 35 -26.11 -15.96 14.65
N LYS A 36 -27.32 -16.31 14.21
CA LYS A 36 -27.67 -17.67 13.77
C LYS A 36 -27.18 -17.82 12.32
N ILE A 37 -26.56 -18.95 12.01
CA ILE A 37 -26.02 -19.24 10.66
C ILE A 37 -26.65 -20.52 10.12
N VAL A 38 -27.22 -20.46 8.92
CA VAL A 38 -27.86 -21.61 8.27
C VAL A 38 -27.21 -21.79 6.91
N VAL A 39 -26.83 -23.02 6.58
CA VAL A 39 -26.35 -23.44 5.25
C VAL A 39 -27.43 -24.33 4.62
N LEU A 40 -28.02 -23.88 3.53
CA LEU A 40 -28.88 -24.72 2.67
C LEU A 40 -28.06 -25.32 1.52
N GLU A 41 -27.79 -26.62 1.55
CA GLU A 41 -26.98 -27.33 0.52
C GLU A 41 -27.75 -28.55 -0.03
N ALA A 42 -27.97 -28.66 -1.35
CA ALA A 42 -28.49 -29.89 -2.00
C ALA A 42 -27.57 -31.05 -1.62
N PRO A 43 -28.09 -32.26 -1.27
CA PRO A 43 -27.22 -33.34 -0.81
C PRO A 43 -26.18 -33.75 -1.85
N THR A 44 -25.00 -34.14 -1.37
CA THR A 44 -23.71 -34.09 -2.12
C THR A 44 -23.50 -35.37 -2.95
N ILE A 45 -23.75 -35.32 -4.27
CA ILE A 45 -23.34 -36.38 -5.25
C ILE A 45 -21.81 -36.35 -5.36
N PRO A 46 -21.11 -37.48 -5.11
CA PRO A 46 -19.64 -37.47 -5.03
C PRO A 46 -19.00 -37.24 -6.41
N ARG A 47 -17.96 -36.39 -6.48
CA ARG A 47 -17.26 -36.05 -7.74
C ARG A 47 -15.75 -36.28 -7.58
N ILE A 48 -15.05 -36.58 -8.67
CA ILE A 48 -13.60 -36.95 -8.64
C ILE A 48 -12.80 -35.74 -8.15
N GLY A 49 -11.90 -35.94 -7.17
CA GLY A 49 -11.03 -34.88 -6.61
C GLY A 49 -9.97 -34.43 -7.60
N VAL A 50 -10.31 -33.46 -8.46
CA VAL A 50 -9.47 -32.95 -9.59
C VAL A 50 -8.37 -32.02 -9.04
N GLY A 51 -8.36 -31.76 -7.73
CA GLY A 51 -7.31 -30.96 -7.06
C GLY A 51 -7.51 -29.46 -7.19
N GLU A 52 -7.07 -28.73 -6.17
CA GLU A 52 -7.16 -27.26 -6.11
C GLU A 52 -5.86 -26.74 -5.48
N ALA A 53 -5.35 -25.62 -5.99
CA ALA A 53 -4.13 -24.95 -5.49
C ALA A 53 -4.50 -23.61 -4.82
N THR A 54 -3.63 -23.18 -3.90
CA THR A 54 -3.86 -22.06 -2.97
C THR A 54 -2.64 -21.13 -2.92
N VAL A 55 -2.77 -20.07 -2.14
CA VAL A 55 -1.68 -19.12 -1.88
C VAL A 55 -1.32 -19.20 -0.40
N PRO A 56 -0.10 -18.76 -0.02
CA PRO A 56 0.43 -18.98 1.33
C PRO A 56 -0.30 -18.37 2.53
N ASN A 57 -1.12 -17.33 2.33
CA ASN A 57 -1.80 -16.61 3.45
C ASN A 57 -2.88 -17.52 4.06
N LEU A 58 -3.29 -18.60 3.36
CA LEU A 58 -4.49 -19.41 3.71
C LEU A 58 -4.39 -19.91 5.16
N GLN A 59 -3.23 -20.38 5.61
CA GLN A 59 -3.12 -20.92 7.00
C GLN A 59 -3.27 -19.77 8.01
N ARG A 60 -2.62 -18.64 7.77
CA ARG A 60 -2.60 -17.52 8.74
C ARG A 60 -3.99 -16.86 8.79
N ALA A 61 -4.50 -16.49 7.63
CA ALA A 61 -5.72 -15.66 7.45
C ALA A 61 -6.99 -16.47 7.74
N PHE A 62 -6.98 -17.79 7.57
CA PHE A 62 -8.20 -18.64 7.66
C PHE A 62 -8.06 -19.71 8.74
N PHE A 63 -7.26 -20.76 8.53
CA PHE A 63 -7.25 -21.89 9.47
C PHE A 63 -6.84 -21.42 10.87
N ASP A 64 -5.85 -20.53 10.99
CA ASP A 64 -5.35 -20.01 12.29
C ASP A 64 -6.40 -19.09 12.93
N TYR A 65 -7.13 -18.29 12.15
CA TYR A 65 -8.27 -17.46 12.64
C TYR A 65 -9.29 -18.37 13.35
N LEU A 66 -9.53 -19.55 12.79
CA LEU A 66 -10.51 -20.58 13.27
C LEU A 66 -9.89 -21.45 14.36
N GLY A 67 -8.57 -21.37 14.58
CA GLY A 67 -7.86 -22.22 15.57
C GLY A 67 -7.69 -23.65 15.10
N ILE A 68 -7.68 -23.90 13.79
CA ILE A 68 -7.44 -25.25 13.21
C ILE A 68 -5.96 -25.41 12.85
N PRO A 69 -5.18 -26.29 13.51
CA PRO A 69 -3.76 -26.44 13.18
C PRO A 69 -3.55 -26.99 11.76
N GLU A 70 -2.45 -26.60 11.11
CA GLU A 70 -2.12 -26.93 9.68
C GLU A 70 -2.16 -28.44 9.46
N GLU A 71 -1.46 -29.19 10.30
CA GLU A 71 -1.32 -30.67 10.14
C GLU A 71 -2.72 -31.33 10.23
N GLU A 72 -3.62 -30.78 11.05
CA GLU A 72 -4.95 -31.40 11.31
C GLU A 72 -5.78 -31.40 10.02
N TRP A 73 -5.85 -30.28 9.30
CA TRP A 73 -6.75 -30.17 8.11
C TRP A 73 -6.10 -30.84 6.90
N MET A 74 -4.77 -30.77 6.79
CA MET A 74 -4.00 -31.39 5.68
C MET A 74 -4.22 -32.91 5.71
N ARG A 75 -4.11 -33.52 6.90
CA ARG A 75 -4.30 -34.99 7.10
C ARG A 75 -5.70 -35.42 6.64
N GLU A 76 -6.72 -34.56 6.72
CA GLU A 76 -8.14 -34.89 6.41
C GLU A 76 -8.47 -34.64 4.94
N CYS A 77 -7.58 -34.08 4.12
CA CYS A 77 -7.93 -33.76 2.71
C CYS A 77 -6.76 -34.03 1.74
N ASN A 78 -5.85 -34.93 2.13
CA ASN A 78 -4.82 -35.53 1.24
C ASN A 78 -3.95 -34.42 0.64
N ALA A 79 -3.57 -33.46 1.47
CA ALA A 79 -2.94 -32.20 1.04
C ALA A 79 -1.43 -32.42 0.84
N SER A 80 -0.88 -31.74 -0.16
CA SER A 80 0.57 -31.65 -0.45
C SER A 80 1.01 -30.17 -0.48
N TYR A 81 2.30 -29.94 -0.68
CA TYR A 81 2.94 -28.61 -0.60
C TYR A 81 3.14 -28.04 -2.00
N LYS A 82 3.15 -26.71 -2.09
CA LYS A 82 3.22 -25.94 -3.35
C LYS A 82 4.17 -24.74 -3.17
N MET A 83 5.29 -24.70 -3.89
CA MET A 83 6.27 -23.59 -3.77
C MET A 83 6.16 -22.66 -4.99
N ALA A 84 5.34 -22.99 -5.99
CA ALA A 84 5.17 -22.12 -7.19
C ALA A 84 4.10 -22.71 -8.11
N VAL A 85 3.79 -21.96 -9.18
CA VAL A 85 3.25 -22.49 -10.46
C VAL A 85 4.43 -22.55 -11.45
N LYS A 86 4.71 -23.72 -12.02
CA LYS A 86 5.73 -23.92 -13.08
C LYS A 86 5.05 -23.90 -14.45
N PHE A 87 5.43 -22.97 -15.33
CA PHE A 87 4.89 -22.86 -16.71
C PHE A 87 5.77 -23.62 -17.70
N ILE A 88 5.17 -24.58 -18.40
CA ILE A 88 5.86 -25.51 -19.34
C ILE A 88 5.34 -25.29 -20.76
N ASN A 89 6.24 -24.90 -21.67
CA ASN A 89 6.02 -24.88 -23.15
C ASN A 89 5.17 -23.67 -23.51
N TRP A 90 5.15 -22.64 -22.67
CA TRP A 90 4.35 -21.42 -22.93
C TRP A 90 5.00 -20.54 -24.01
N ARG A 91 6.23 -20.85 -24.43
CA ARG A 91 6.98 -20.05 -25.44
C ARG A 91 7.19 -20.79 -26.78
N THR A 92 7.03 -22.11 -26.80
CA THR A 92 7.38 -22.97 -27.95
C THR A 92 6.11 -23.58 -28.56
N PRO A 93 6.00 -23.62 -29.91
CA PRO A 93 4.81 -24.17 -30.56
C PRO A 93 4.70 -25.71 -30.51
N GLY A 94 3.51 -26.23 -30.83
CA GLY A 94 3.28 -27.68 -30.98
C GLY A 94 2.24 -28.25 -30.02
N GLU A 95 2.07 -29.58 -30.05
CA GLU A 95 1.12 -30.33 -29.22
C GLU A 95 1.58 -30.26 -27.77
N GLY A 96 0.65 -30.39 -26.83
CA GLY A 96 0.91 -30.51 -25.39
C GLY A 96 1.85 -31.67 -25.10
N SER A 97 2.67 -31.53 -24.08
CA SER A 97 3.57 -32.59 -23.57
C SER A 97 3.99 -32.21 -22.16
N PRO A 98 4.09 -33.18 -21.23
CA PRO A 98 4.59 -32.92 -19.88
C PRO A 98 6.02 -32.37 -19.91
N ASP A 99 6.75 -32.68 -20.99
CA ASP A 99 8.22 -32.48 -21.07
C ASP A 99 8.47 -31.14 -21.77
N PRO A 100 9.38 -30.31 -21.23
CA PRO A 100 9.67 -29.03 -21.86
C PRO A 100 10.44 -29.18 -23.18
N ARG A 101 9.93 -28.55 -24.23
CA ARG A 101 10.65 -28.25 -25.48
C ARG A 101 11.89 -27.39 -25.14
N THR A 102 12.74 -27.09 -26.13
CA THR A 102 13.96 -26.24 -26.00
C THR A 102 13.77 -24.96 -26.83
N LEU A 103 14.19 -23.81 -26.31
CA LEU A 103 14.11 -22.49 -27.01
C LEU A 103 15.20 -22.42 -28.09
N ASP A 104 15.06 -21.47 -29.02
CA ASP A 104 16.06 -21.13 -30.07
C ASP A 104 17.44 -20.88 -29.42
N ASP A 105 17.48 -20.36 -28.18
CA ASP A 105 18.72 -19.92 -27.48
C ASP A 105 19.24 -21.05 -26.58
N GLY A 106 18.62 -22.22 -26.59
CA GLY A 106 19.15 -23.42 -25.89
C GLY A 106 18.57 -23.66 -24.50
N HIS A 107 17.97 -22.64 -23.86
CA HIS A 107 17.23 -22.80 -22.57
C HIS A 107 16.02 -23.73 -22.77
N THR A 108 15.73 -24.56 -21.77
CA THR A 108 14.47 -25.33 -21.62
C THR A 108 13.32 -24.34 -21.34
N ASP A 109 12.15 -24.62 -21.92
CA ASP A 109 10.94 -23.73 -21.84
C ASP A 109 10.16 -24.06 -20.56
N THR A 110 10.80 -23.78 -19.43
CA THR A 110 10.18 -23.76 -18.09
C THR A 110 10.57 -22.46 -17.40
N PHE A 111 9.62 -21.86 -16.71
CA PHE A 111 9.87 -20.76 -15.74
C PHE A 111 8.90 -20.89 -14.56
N HIS A 112 9.38 -20.54 -13.38
CA HIS A 112 8.64 -20.65 -12.08
C HIS A 112 8.12 -19.28 -11.67
N HIS A 113 6.96 -19.30 -11.01
CA HIS A 113 6.33 -18.18 -10.28
C HIS A 113 6.23 -18.58 -8.82
N PRO A 114 7.31 -18.42 -8.03
CA PRO A 114 7.32 -18.81 -6.63
C PRO A 114 6.76 -17.69 -5.73
N PHE A 115 6.76 -17.93 -4.42
CA PHE A 115 6.29 -17.00 -3.36
C PHE A 115 7.46 -16.27 -2.71
N GLY A 116 7.16 -15.42 -1.74
CA GLY A 116 8.15 -14.59 -1.07
C GLY A 116 8.30 -13.24 -1.75
N LEU A 117 9.01 -12.34 -1.09
CA LEU A 117 9.38 -11.02 -1.63
C LEU A 117 10.88 -11.12 -1.97
N LEU A 118 11.31 -10.43 -3.01
CA LEU A 118 12.73 -10.38 -3.43
C LEU A 118 13.47 -9.46 -2.48
N PRO A 119 14.72 -9.77 -2.09
CA PRO A 119 15.51 -8.86 -1.28
C PRO A 119 15.89 -7.67 -2.16
N SER A 120 16.40 -6.65 -1.51
CA SER A 120 16.76 -5.37 -2.10
C SER A 120 18.21 -5.03 -1.73
N ALA A 121 18.86 -4.28 -2.61
CA ALA A 121 20.13 -3.59 -2.32
C ALA A 121 19.95 -2.14 -2.74
N ASP A 122 20.19 -1.18 -1.84
CA ASP A 122 20.10 0.26 -2.18
C ASP A 122 18.68 0.55 -2.68
N GLN A 123 17.69 -0.14 -2.08
CA GLN A 123 16.23 0.10 -2.24
C GLN A 123 15.80 -0.31 -3.64
N ILE A 124 16.64 -1.09 -4.33
CA ILE A 124 16.33 -1.69 -5.66
C ILE A 124 16.22 -3.20 -5.52
N PRO A 125 15.13 -3.82 -6.04
CA PRO A 125 14.91 -5.23 -5.90
C PRO A 125 15.92 -6.04 -6.74
N LEU A 126 16.17 -7.27 -6.30
CA LEU A 126 17.19 -8.13 -6.92
C LEU A 126 16.83 -8.35 -8.39
N SER A 127 15.54 -8.30 -8.72
CA SER A 127 15.02 -8.43 -10.11
C SER A 127 15.82 -7.53 -11.05
N HIS A 128 16.08 -6.31 -10.62
CA HIS A 128 16.59 -5.21 -11.49
C HIS A 128 18.10 -5.42 -11.73
N TYR A 129 18.81 -6.01 -10.77
CA TYR A 129 20.26 -6.30 -10.88
C TYR A 129 20.40 -7.48 -11.83
N TRP A 130 19.49 -8.44 -11.71
CA TRP A 130 19.47 -9.60 -12.64
C TRP A 130 19.25 -9.09 -14.05
N ALA A 131 18.29 -8.20 -14.24
CA ALA A 131 17.91 -7.72 -15.58
C ALA A 131 19.13 -7.04 -16.22
N ALA A 132 19.88 -6.25 -15.45
CA ALA A 132 21.06 -5.49 -15.94
C ALA A 132 22.06 -6.49 -16.53
N LYS A 133 22.41 -7.50 -15.74
CA LYS A 133 23.37 -8.57 -16.09
C LYS A 133 22.90 -9.32 -17.34
N ARG A 134 21.60 -9.56 -17.48
CA ARG A 134 21.07 -10.37 -18.61
C ARG A 134 21.14 -9.53 -19.88
N LEU A 135 20.72 -8.27 -19.83
CA LEU A 135 20.67 -7.35 -21.00
C LEU A 135 22.11 -7.00 -21.46
N GLN A 136 23.09 -7.15 -20.57
CA GLN A 136 24.52 -6.75 -20.78
C GLN A 136 25.37 -8.00 -21.03
N GLY A 137 24.75 -9.19 -21.13
CA GLY A 137 25.43 -10.47 -21.38
C GLY A 137 26.28 -11.00 -20.22
N GLU A 138 26.29 -10.35 -19.05
CA GLU A 138 27.11 -10.80 -17.89
C GLU A 138 26.53 -12.05 -17.21
N THR A 139 25.30 -12.49 -17.55
CA THR A 139 24.72 -13.76 -17.01
C THR A 139 23.89 -14.42 -18.09
N ASP A 140 23.87 -15.75 -18.09
CA ASP A 140 22.94 -16.58 -18.92
C ASP A 140 21.87 -17.22 -18.04
N GLU A 141 21.83 -16.87 -16.73
CA GLU A 141 20.88 -17.45 -15.74
C GLU A 141 19.47 -16.92 -16.00
N ASN A 142 18.46 -17.75 -15.78
CA ASN A 142 17.04 -17.32 -15.81
C ASN A 142 16.75 -16.45 -14.57
N PHE A 143 15.83 -15.51 -14.68
CA PHE A 143 15.32 -14.70 -13.53
C PHE A 143 15.03 -15.64 -12.35
N ASP A 144 14.24 -16.71 -12.56
CA ASP A 144 13.75 -17.54 -11.42
C ASP A 144 14.90 -18.16 -10.66
N GLU A 145 15.96 -18.58 -11.34
CA GLU A 145 17.03 -19.38 -10.67
C GLU A 145 18.00 -18.41 -9.98
N ALA A 146 18.23 -17.23 -10.55
CA ALA A 146 19.11 -16.21 -9.97
C ALA A 146 18.52 -15.70 -8.64
N CYS A 147 17.20 -15.49 -8.62
CA CYS A 147 16.53 -14.57 -7.67
C CYS A 147 15.77 -15.33 -6.55
N PHE A 148 15.52 -16.63 -6.66
CA PHE A 148 14.78 -17.45 -5.66
C PHE A 148 15.49 -18.78 -5.42
N ALA A 149 16.00 -19.03 -4.21
CA ALA A 149 16.56 -20.36 -3.83
C ALA A 149 15.50 -21.43 -4.06
N ASP A 150 14.21 -21.07 -3.95
CA ASP A 150 13.06 -22.01 -4.09
C ASP A 150 13.16 -22.74 -5.45
N THR A 151 13.65 -22.10 -6.50
CA THR A 151 13.79 -22.69 -7.85
C THR A 151 14.66 -23.96 -7.81
N ALA A 152 15.77 -23.94 -7.07
CA ALA A 152 16.71 -25.07 -6.93
C ALA A 152 16.06 -26.18 -6.10
N ILE A 153 15.38 -25.79 -5.02
CA ILE A 153 14.63 -26.72 -4.12
C ILE A 153 13.55 -27.44 -4.91
N MET A 154 12.86 -26.74 -5.80
CA MET A 154 11.78 -27.36 -6.62
C MET A 154 12.39 -28.27 -7.70
N ASN A 155 13.53 -27.87 -8.30
CA ASN A 155 14.26 -28.66 -9.34
C ASN A 155 14.61 -30.04 -8.76
N ALA A 156 15.01 -30.11 -7.48
CA ALA A 156 15.32 -31.37 -6.76
C ALA A 156 14.08 -32.03 -6.15
N LYS A 157 12.88 -31.45 -6.34
CA LYS A 157 11.60 -31.93 -5.73
C LYS A 157 11.73 -32.05 -4.21
N LYS A 158 12.51 -31.20 -3.55
CA LYS A 158 12.64 -31.26 -2.08
C LYS A 158 11.45 -30.53 -1.41
N ALA A 159 11.26 -30.79 -0.11
CA ALA A 159 10.13 -30.28 0.71
C ALA A 159 10.44 -28.90 1.24
N PRO A 160 9.39 -28.07 1.47
CA PRO A 160 9.56 -26.74 2.07
C PRO A 160 9.80 -26.75 3.58
N ARG A 161 9.68 -27.92 4.20
CA ARG A 161 9.99 -28.16 5.64
C ARG A 161 10.96 -29.35 5.74
N PHE A 162 11.75 -29.38 6.82
CA PHE A 162 12.51 -30.56 7.28
C PHE A 162 11.56 -31.51 8.01
N LEU A 163 11.99 -32.77 8.21
CA LEU A 163 11.19 -33.87 8.85
C LEU A 163 10.80 -33.47 10.28
N ASP A 164 11.60 -32.67 10.97
CA ASP A 164 11.31 -32.13 12.33
C ASP A 164 10.37 -30.93 12.20
N MET A 165 9.99 -30.55 10.97
CA MET A 165 8.94 -29.55 10.62
C MET A 165 9.43 -28.10 10.81
N ARG A 166 10.75 -27.87 10.93
CA ARG A 166 11.35 -26.52 10.72
C ARG A 166 11.00 -26.04 9.31
N ARG A 167 10.56 -24.79 9.18
CA ARG A 167 10.33 -24.13 7.87
C ARG A 167 11.69 -23.89 7.20
N ALA A 168 11.78 -24.20 5.90
CA ALA A 168 12.93 -23.89 5.02
C ALA A 168 12.60 -22.68 4.15
N THR A 169 11.38 -22.62 3.63
CA THR A 169 10.97 -21.68 2.56
C THR A 169 9.49 -21.33 2.70
N ASN A 170 8.99 -20.43 1.87
CA ASN A 170 7.55 -20.13 1.75
C ASN A 170 6.86 -21.26 0.99
N TYR A 171 5.57 -21.49 1.26
CA TYR A 171 4.76 -22.48 0.54
C TYR A 171 3.27 -22.25 0.76
N ALA A 172 2.48 -22.85 -0.11
CA ALA A 172 1.01 -22.97 -0.04
C ALA A 172 0.68 -24.46 -0.16
N TRP A 173 -0.53 -24.77 -0.62
CA TRP A 173 -1.15 -26.10 -0.45
C TRP A 173 -1.82 -26.53 -1.74
N HIS A 174 -1.70 -27.82 -2.01
CA HIS A 174 -2.58 -28.58 -2.92
C HIS A 174 -3.54 -29.38 -2.03
N PHE A 175 -4.81 -29.50 -2.42
CA PHE A 175 -5.76 -30.37 -1.68
C PHE A 175 -6.94 -30.77 -2.54
N ASP A 176 -7.67 -31.77 -2.04
CA ASP A 176 -9.03 -32.18 -2.50
C ASP A 176 -10.05 -31.16 -1.93
N ALA A 177 -10.69 -30.41 -2.82
CA ALA A 177 -11.66 -29.34 -2.51
C ALA A 177 -12.83 -29.91 -1.70
N SER A 178 -13.39 -31.04 -2.15
CA SER A 178 -14.63 -31.61 -1.57
C SER A 178 -14.34 -32.15 -0.16
N LYS A 179 -13.11 -32.58 0.09
CA LYS A 179 -12.67 -33.05 1.43
C LYS A 179 -12.40 -31.87 2.40
N VAL A 180 -11.90 -30.74 1.90
CA VAL A 180 -11.77 -29.50 2.72
C VAL A 180 -13.19 -29.00 3.07
N ALA A 181 -14.11 -29.03 2.12
CA ALA A 181 -15.54 -28.65 2.31
C ALA A 181 -16.12 -29.51 3.42
N ALA A 182 -15.96 -30.83 3.29
CA ALA A 182 -16.44 -31.84 4.25
C ALA A 182 -15.84 -31.53 5.62
N PHE A 183 -14.53 -31.32 5.68
CA PHE A 183 -13.83 -31.04 6.95
C PHE A 183 -14.44 -29.80 7.62
N LEU A 184 -14.73 -28.76 6.82
CA LEU A 184 -15.19 -27.46 7.36
C LEU A 184 -16.69 -27.55 7.76
N ARG A 185 -17.53 -28.24 6.99
CA ARG A 185 -18.94 -28.57 7.33
C ARG A 185 -18.95 -29.17 8.74
N ASN A 186 -18.25 -30.30 8.91
CA ASN A 186 -18.13 -30.99 10.22
C ASN A 186 -17.70 -29.99 11.30
N PHE A 187 -16.68 -29.19 11.05
CA PHE A 187 -16.18 -28.21 12.05
C PHE A 187 -17.30 -27.21 12.38
N ALA A 188 -18.01 -26.68 11.38
CA ALA A 188 -19.01 -25.60 11.54
C ALA A 188 -20.21 -26.12 12.32
N VAL A 189 -20.66 -27.33 12.01
CA VAL A 189 -21.86 -27.97 12.64
C VAL A 189 -21.52 -28.33 14.10
N THR A 190 -20.42 -29.04 14.34
CA THR A 190 -20.08 -29.63 15.67
C THR A 190 -19.41 -28.59 16.58
N LYS A 191 -18.70 -27.59 16.06
CA LYS A 191 -17.92 -26.66 16.92
C LYS A 191 -18.56 -25.25 16.96
N GLN A 192 -19.43 -24.90 16.02
CA GLN A 192 -19.91 -23.50 15.84
C GLN A 192 -21.45 -23.39 15.75
N ALA A 193 -22.19 -24.47 16.02
CA ALA A 193 -23.68 -24.46 16.09
C ALA A 193 -24.29 -23.96 14.78
N VAL A 194 -23.65 -24.18 13.66
CA VAL A 194 -24.22 -23.85 12.33
C VAL A 194 -25.28 -24.90 12.02
N GLU A 195 -26.41 -24.50 11.43
CA GLU A 195 -27.48 -25.45 11.05
C GLU A 195 -27.35 -25.86 9.58
N HIS A 196 -27.11 -27.15 9.34
CA HIS A 196 -27.02 -27.74 8.00
C HIS A 196 -28.41 -28.25 7.59
N VAL A 197 -29.03 -27.60 6.62
CA VAL A 197 -30.31 -28.06 6.00
C VAL A 197 -29.99 -28.67 4.64
N GLU A 198 -30.21 -29.98 4.47
CA GLU A 198 -29.88 -30.75 3.25
C GLU A 198 -31.12 -30.80 2.37
N ASP A 199 -31.26 -29.82 1.49
CA ASP A 199 -32.47 -29.67 0.65
C ASP A 199 -32.12 -28.72 -0.49
N GLU A 200 -32.94 -28.73 -1.55
CA GLU A 200 -32.89 -27.76 -2.66
C GLU A 200 -33.68 -26.50 -2.28
N MET A 201 -33.38 -25.39 -2.93
CA MET A 201 -34.14 -24.12 -2.84
C MET A 201 -35.19 -24.17 -3.96
N THR A 202 -36.42 -23.72 -3.69
CA THR A 202 -37.52 -23.61 -4.70
C THR A 202 -37.99 -22.14 -4.86
N GLU A 203 -37.96 -21.35 -3.80
CA GLU A 203 -38.52 -19.97 -3.85
C GLU A 203 -37.59 -19.01 -3.12
N VAL A 204 -37.52 -17.78 -3.62
CA VAL A 204 -36.82 -16.66 -2.96
C VAL A 204 -37.91 -15.64 -2.65
N LEU A 205 -38.19 -15.43 -1.37
CA LEU A 205 -39.28 -14.51 -0.93
C LEU A 205 -38.68 -13.13 -0.68
N THR A 206 -39.31 -12.10 -1.23
CA THR A 206 -38.82 -10.69 -1.22
C THR A 206 -39.87 -9.71 -0.66
N ASP A 207 -39.41 -8.66 0.02
CA ASP A 207 -40.25 -7.53 0.45
C ASP A 207 -40.46 -6.57 -0.74
N GLU A 208 -41.15 -5.47 -0.47
CA GLU A 208 -41.56 -4.47 -1.50
C GLU A 208 -40.33 -3.79 -2.13
N ARG A 209 -39.17 -3.77 -1.43
CA ARG A 209 -37.92 -3.18 -1.98
C ARG A 209 -37.10 -4.24 -2.75
N GLY A 210 -37.52 -5.50 -2.75
CA GLY A 210 -36.76 -6.59 -3.38
C GLY A 210 -35.69 -7.16 -2.46
N PHE A 211 -35.73 -6.84 -1.16
CA PHE A 211 -34.84 -7.47 -0.15
C PHE A 211 -35.38 -8.87 0.12
N ILE A 212 -34.49 -9.81 0.41
CA ILE A 212 -34.87 -11.23 0.62
C ILE A 212 -35.29 -11.34 2.07
N THR A 213 -36.43 -12.00 2.33
CA THR A 213 -36.97 -12.26 3.68
C THR A 213 -36.79 -13.74 4.01
N ALA A 214 -36.79 -14.63 3.02
CA ALA A 214 -36.63 -16.08 3.28
C ALA A 214 -36.47 -16.87 1.97
N LEU A 215 -35.94 -18.08 2.09
CA LEU A 215 -35.84 -19.12 1.05
C LEU A 215 -36.80 -20.25 1.40
N ARG A 216 -37.63 -20.68 0.45
CA ARG A 216 -38.38 -21.96 0.59
C ARG A 216 -37.52 -23.10 0.03
N THR A 217 -37.46 -24.19 0.78
CA THR A 217 -36.82 -25.49 0.42
C THR A 217 -37.83 -26.38 -0.32
N LYS A 218 -37.38 -27.47 -0.94
CA LYS A 218 -38.24 -28.47 -1.61
C LYS A 218 -39.23 -29.09 -0.59
N SER A 219 -38.76 -29.45 0.61
CA SER A 219 -39.59 -30.08 1.66
C SER A 219 -40.69 -29.11 2.16
N GLY A 220 -40.65 -27.84 1.75
CA GLY A 220 -41.68 -26.83 2.08
C GLY A 220 -41.27 -25.96 3.26
N ARG A 221 -40.20 -26.31 3.96
CA ARG A 221 -39.65 -25.50 5.09
C ARG A 221 -39.23 -24.12 4.58
N ILE A 222 -39.53 -23.08 5.35
CA ILE A 222 -39.22 -21.66 5.03
C ILE A 222 -38.10 -21.22 5.96
N LEU A 223 -36.91 -20.95 5.38
CA LEU A 223 -35.72 -20.43 6.09
C LEU A 223 -35.76 -18.90 6.06
N GLN A 224 -36.25 -18.26 7.13
CA GLN A 224 -36.20 -16.79 7.33
C GLN A 224 -34.73 -16.38 7.56
N GLY A 225 -34.38 -15.16 7.15
CA GLY A 225 -33.04 -14.58 7.38
C GLY A 225 -33.06 -13.09 7.19
N ASP A 226 -32.04 -12.39 7.69
CA ASP A 226 -31.85 -10.93 7.47
C ASP A 226 -30.77 -10.66 6.42
N LEU A 227 -29.87 -11.61 6.17
CA LEU A 227 -28.73 -11.48 5.20
C LEU A 227 -28.53 -12.84 4.54
N PHE A 228 -28.39 -12.85 3.23
CA PHE A 228 -28.29 -14.06 2.41
C PHE A 228 -26.94 -14.04 1.70
N VAL A 229 -26.22 -15.13 1.79
CA VAL A 229 -24.93 -15.29 1.07
C VAL A 229 -25.18 -16.27 -0.08
N ASP A 230 -24.99 -15.81 -1.31
CA ASP A 230 -25.17 -16.68 -2.50
C ASP A 230 -23.84 -17.37 -2.77
N CYS A 231 -23.75 -18.65 -2.40
CA CYS A 231 -22.63 -19.56 -2.72
C CYS A 231 -23.15 -20.64 -3.66
N SER A 232 -24.10 -20.31 -4.53
CA SER A 232 -24.84 -21.27 -5.38
C SER A 232 -24.02 -21.66 -6.63
N GLY A 233 -22.81 -21.13 -6.81
CA GLY A 233 -21.98 -21.47 -8.00
C GLY A 233 -22.34 -20.59 -9.18
N PHE A 234 -22.05 -21.06 -10.39
CA PHE A 234 -22.15 -20.25 -11.64
C PHE A 234 -23.58 -19.77 -11.90
N ARG A 235 -24.59 -20.44 -11.33
CA ARG A 235 -26.02 -20.17 -11.63
C ARG A 235 -26.45 -18.89 -10.90
N GLY A 236 -25.77 -18.53 -9.81
CA GLY A 236 -26.11 -17.31 -9.07
C GLY A 236 -27.60 -17.22 -8.75
N LEU A 237 -28.13 -18.29 -8.13
CA LEU A 237 -29.58 -18.49 -7.91
C LEU A 237 -30.18 -17.25 -7.22
N LEU A 238 -29.42 -16.57 -6.35
CA LEU A 238 -29.88 -15.34 -5.65
C LEU A 238 -29.41 -14.07 -6.37
N ILE A 239 -28.10 -13.94 -6.62
CA ILE A 239 -27.53 -12.63 -7.08
C ILE A 239 -27.98 -12.36 -8.52
N ASN A 240 -28.00 -13.36 -9.41
CA ASN A 240 -28.31 -13.16 -10.85
C ASN A 240 -29.81 -13.43 -11.09
N LYS A 241 -30.30 -14.63 -10.79
CA LYS A 241 -31.70 -15.09 -11.00
C LYS A 241 -32.68 -14.24 -10.18
N ALA A 242 -32.69 -14.36 -8.86
CA ALA A 242 -33.67 -13.67 -7.99
C ALA A 242 -33.44 -12.17 -8.03
N MET A 243 -32.20 -11.70 -7.83
CA MET A 243 -31.91 -10.24 -7.67
C MET A 243 -31.76 -9.58 -9.05
N GLU A 244 -31.52 -10.35 -10.13
CA GLU A 244 -31.45 -9.82 -11.52
C GLU A 244 -30.22 -8.93 -11.72
N GLU A 245 -29.19 -9.08 -10.89
CA GLU A 245 -27.92 -8.34 -11.10
C GLU A 245 -27.25 -8.97 -12.34
N PRO A 246 -26.95 -8.13 -13.35
CA PRO A 246 -26.26 -8.60 -14.54
C PRO A 246 -24.84 -9.08 -14.21
N PHE A 247 -24.44 -10.17 -14.85
CA PHE A 247 -23.06 -10.69 -14.88
C PHE A 247 -22.34 -10.03 -16.05
N ILE A 248 -21.15 -9.48 -15.81
CA ILE A 248 -20.31 -8.85 -16.87
C ILE A 248 -19.38 -9.93 -17.40
N ASP A 249 -19.65 -10.45 -18.60
CA ASP A 249 -18.75 -11.43 -19.28
C ASP A 249 -17.45 -10.71 -19.67
N MET A 250 -16.31 -11.35 -19.44
CA MET A 250 -14.97 -10.76 -19.70
C MET A 250 -14.15 -11.71 -20.59
N SER A 251 -14.81 -12.33 -21.57
CA SER A 251 -14.19 -13.17 -22.62
C SER A 251 -13.52 -12.27 -23.69
N ASP A 252 -13.72 -10.94 -23.62
CA ASP A 252 -12.95 -9.92 -24.39
C ASP A 252 -11.57 -9.70 -23.73
N HIS A 253 -11.24 -10.44 -22.67
CA HIS A 253 -9.97 -10.32 -21.90
C HIS A 253 -9.32 -11.70 -21.76
N LEU A 254 -10.11 -12.75 -21.59
CA LEU A 254 -9.64 -14.16 -21.50
C LEU A 254 -10.57 -15.04 -22.31
N LEU A 255 -10.03 -16.08 -22.92
CA LEU A 255 -10.71 -16.82 -24.00
C LEU A 255 -11.17 -18.14 -23.44
N CYS A 256 -10.42 -18.73 -22.54
CA CYS A 256 -10.80 -20.04 -21.99
C CYS A 256 -12.14 -19.90 -21.26
N ASN A 257 -12.99 -20.92 -21.37
CA ASN A 257 -14.40 -20.91 -20.89
C ASN A 257 -14.88 -22.34 -20.60
N SER A 258 -13.98 -23.32 -20.62
CA SER A 258 -14.30 -24.75 -20.53
C SER A 258 -13.12 -25.43 -19.86
N ALA A 259 -13.36 -26.58 -19.25
CA ALA A 259 -12.31 -27.49 -18.75
C ALA A 259 -12.82 -28.92 -18.84
N VAL A 260 -11.88 -29.84 -19.06
CA VAL A 260 -12.11 -31.29 -18.89
C VAL A 260 -11.04 -31.77 -17.91
N ALA A 261 -11.45 -32.41 -16.82
CA ALA A 261 -10.54 -32.76 -15.71
C ALA A 261 -10.71 -34.22 -15.31
N THR A 262 -9.81 -34.69 -14.46
CA THR A 262 -9.83 -36.02 -13.81
C THR A 262 -8.70 -36.08 -12.77
N ALA A 263 -8.61 -37.22 -12.07
CA ALA A 263 -7.54 -37.56 -11.11
C ALA A 263 -6.78 -38.78 -11.64
N VAL A 264 -5.46 -38.78 -11.48
CA VAL A 264 -4.53 -39.74 -12.16
C VAL A 264 -3.70 -40.43 -11.09
N PRO A 265 -3.84 -41.76 -10.89
CA PRO A 265 -2.96 -42.48 -9.97
C PRO A 265 -1.50 -42.25 -10.38
N HIS A 266 -0.59 -42.22 -9.40
CA HIS A 266 0.81 -41.75 -9.57
C HIS A 266 1.76 -42.61 -8.76
N ASP A 267 2.82 -43.10 -9.41
CA ASP A 267 3.92 -43.84 -8.75
C ASP A 267 4.83 -42.80 -8.06
N ASP A 268 4.52 -42.48 -6.80
CA ASP A 268 5.31 -41.53 -5.96
C ASP A 268 6.63 -42.18 -5.51
N GLU A 269 6.79 -43.51 -5.67
CA GLU A 269 8.05 -44.23 -5.36
C GLU A 269 9.11 -43.87 -6.42
N LYS A 270 8.76 -44.06 -7.69
CA LYS A 270 9.66 -43.83 -8.86
C LYS A 270 9.97 -42.33 -8.99
N ASN A 271 8.94 -41.50 -9.14
CA ASN A 271 9.04 -40.11 -9.69
C ASN A 271 9.25 -39.07 -8.58
N GLY A 272 9.09 -39.44 -7.31
CA GLY A 272 8.92 -38.48 -6.19
C GLY A 272 7.66 -37.65 -6.39
N VAL A 273 7.44 -36.61 -5.57
CA VAL A 273 6.29 -35.67 -5.75
C VAL A 273 6.83 -34.28 -6.06
N GLU A 274 6.32 -33.64 -7.11
CA GLU A 274 6.62 -32.20 -7.39
C GLU A 274 5.95 -31.31 -6.33
N PRO A 275 6.71 -30.50 -5.55
CA PRO A 275 6.12 -29.51 -4.64
C PRO A 275 5.77 -28.21 -5.38
N TYR A 276 4.98 -28.34 -6.43
CA TYR A 276 4.53 -27.19 -7.25
C TYR A 276 3.39 -27.64 -8.16
N THR A 277 2.62 -26.68 -8.62
CA THR A 277 1.57 -26.83 -9.66
C THR A 277 2.26 -26.58 -11.00
N SER A 278 1.93 -27.39 -12.01
CA SER A 278 2.46 -27.23 -13.40
C SER A 278 1.34 -26.65 -14.27
N SER A 279 1.66 -25.66 -15.09
CA SER A 279 0.75 -25.10 -16.13
C SER A 279 1.33 -25.48 -17.49
N ILE A 280 0.89 -26.62 -18.01
CA ILE A 280 1.41 -27.32 -19.22
C ILE A 280 0.66 -26.79 -20.44
N ALA A 281 1.35 -26.02 -21.29
CA ALA A 281 0.71 -25.35 -22.45
C ALA A 281 0.20 -26.41 -23.43
N MET A 282 -0.92 -26.12 -24.09
CA MET A 282 -1.59 -26.97 -25.11
C MET A 282 -1.94 -26.06 -26.29
N GLU A 283 -2.60 -26.60 -27.32
CA GLU A 283 -2.87 -25.86 -28.59
C GLU A 283 -4.02 -24.88 -28.40
N ALA A 284 -5.05 -25.27 -27.63
CA ALA A 284 -6.30 -24.49 -27.45
C ALA A 284 -6.43 -23.98 -26.00
N GLY A 285 -5.44 -24.24 -25.14
CA GLY A 285 -5.33 -23.65 -23.79
C GLY A 285 -4.14 -24.21 -23.03
N TRP A 286 -4.36 -24.68 -21.81
CA TRP A 286 -3.32 -25.20 -20.90
C TRP A 286 -3.95 -26.26 -20.00
N THR A 287 -3.11 -27.01 -19.28
CA THR A 287 -3.49 -28.17 -18.46
C THR A 287 -2.77 -28.03 -17.11
N TRP A 288 -3.52 -28.02 -15.99
CA TRP A 288 -2.94 -27.96 -14.62
C TRP A 288 -2.48 -29.34 -14.26
N LYS A 289 -1.51 -29.41 -13.34
CA LYS A 289 -1.18 -30.64 -12.62
C LYS A 289 -0.92 -30.28 -11.17
N ILE A 290 -1.71 -30.89 -10.27
CA ILE A 290 -1.76 -30.60 -8.82
C ILE A 290 -1.44 -31.90 -8.08
N PRO A 291 -0.14 -32.15 -7.82
CA PRO A 291 0.29 -33.36 -7.12
C PRO A 291 -0.26 -33.42 -5.69
N MET A 292 -0.79 -34.59 -5.32
CA MET A 292 -1.13 -34.97 -3.91
C MET A 292 -0.55 -36.36 -3.66
N LEU A 293 -0.53 -36.83 -2.40
CA LEU A 293 0.04 -38.16 -2.07
C LEU A 293 -0.78 -39.24 -2.77
N GLY A 294 -0.17 -39.97 -3.72
CA GLY A 294 -0.77 -41.15 -4.38
C GLY A 294 -1.29 -40.83 -5.76
N ARG A 295 -1.57 -39.57 -6.07
CA ARG A 295 -2.18 -39.18 -7.37
C ARG A 295 -1.94 -37.68 -7.61
N PHE A 296 -2.38 -37.19 -8.78
CA PHE A 296 -2.30 -35.76 -9.14
C PHE A 296 -3.59 -35.38 -9.87
N GLY A 297 -4.20 -34.27 -9.48
CA GLY A 297 -5.33 -33.70 -10.23
C GLY A 297 -4.84 -33.04 -11.49
N SER A 298 -5.61 -33.12 -12.56
CA SER A 298 -5.28 -32.44 -13.84
C SER A 298 -6.56 -32.05 -14.53
N GLY A 299 -6.49 -30.96 -15.28
CA GLY A 299 -7.60 -30.48 -16.10
C GLY A 299 -7.08 -29.64 -17.22
N HIS A 300 -7.52 -29.94 -18.44
CA HIS A 300 -7.23 -29.11 -19.62
C HIS A 300 -8.28 -27.99 -19.65
N VAL A 301 -7.84 -26.77 -19.38
CA VAL A 301 -8.62 -25.52 -19.57
C VAL A 301 -8.48 -25.09 -21.03
N TYR A 302 -9.60 -24.83 -21.73
CA TYR A 302 -9.61 -24.54 -23.18
C TYR A 302 -10.73 -23.56 -23.51
N SER A 303 -10.62 -22.90 -24.67
CA SER A 303 -11.73 -22.16 -25.34
C SER A 303 -12.46 -23.10 -26.30
N ASP A 304 -13.80 -23.12 -26.22
CA ASP A 304 -14.64 -24.02 -27.05
C ASP A 304 -14.93 -23.34 -28.40
N HIS A 305 -14.56 -22.07 -28.56
CA HIS A 305 -14.52 -21.36 -29.87
C HIS A 305 -13.29 -21.79 -30.68
N PHE A 306 -12.33 -22.54 -30.09
CA PHE A 306 -11.04 -22.95 -30.72
C PHE A 306 -10.78 -24.45 -30.54
N ALA A 307 -11.62 -25.16 -29.78
CA ALA A 307 -11.59 -26.63 -29.71
C ALA A 307 -12.94 -27.13 -29.20
N THR A 308 -13.36 -28.28 -29.71
CA THR A 308 -14.56 -29.01 -29.25
C THR A 308 -14.15 -29.82 -28.03
N GLN A 309 -15.14 -30.27 -27.27
CA GLN A 309 -14.95 -31.09 -26.05
C GLN A 309 -14.18 -32.37 -26.41
N ASP A 310 -14.48 -32.97 -27.58
CA ASP A 310 -13.82 -34.22 -28.05
C ASP A 310 -12.34 -33.91 -28.28
N GLU A 311 -12.08 -32.92 -29.15
CA GLU A 311 -10.70 -32.46 -29.49
C GLU A 311 -9.92 -32.33 -28.16
N ALA A 312 -10.50 -31.57 -27.22
CA ALA A 312 -9.92 -31.22 -25.89
C ALA A 312 -9.68 -32.48 -25.05
N THR A 313 -10.66 -33.39 -24.99
CA THR A 313 -10.59 -34.65 -24.21
C THR A 313 -9.48 -35.55 -24.79
N LEU A 314 -9.45 -35.69 -26.12
CA LEU A 314 -8.43 -36.50 -26.84
C LEU A 314 -7.05 -35.94 -26.50
N ALA A 315 -6.83 -34.64 -26.75
CA ALA A 315 -5.56 -33.91 -26.55
C ALA A 315 -5.10 -34.04 -25.09
N PHE A 316 -6.04 -33.89 -24.15
CA PHE A 316 -5.84 -34.03 -22.68
C PHE A 316 -5.43 -35.46 -22.36
N SER A 317 -6.17 -36.45 -22.88
CA SER A 317 -5.92 -37.91 -22.66
C SER A 317 -4.54 -38.28 -23.23
N LYS A 318 -4.23 -37.76 -24.44
CA LYS A 318 -2.95 -38.02 -25.14
C LYS A 318 -1.78 -37.61 -24.22
N LEU A 319 -1.88 -36.42 -23.63
CA LEU A 319 -0.85 -35.83 -22.72
C LEU A 319 -0.35 -36.84 -21.68
N TRP A 320 -1.26 -37.50 -20.95
CA TRP A 320 -0.88 -38.44 -19.85
C TRP A 320 -0.89 -39.89 -20.36
N GLY A 321 -1.33 -40.10 -21.61
CA GLY A 321 -1.52 -41.45 -22.18
C GLY A 321 -2.60 -42.22 -21.45
N LEU A 322 -3.76 -41.58 -21.26
CA LEU A 322 -4.95 -42.18 -20.62
C LEU A 322 -5.84 -42.75 -21.72
N ASP A 323 -6.59 -43.82 -21.39
CA ASP A 323 -7.62 -44.44 -22.26
C ASP A 323 -8.82 -43.50 -22.34
N PRO A 324 -9.04 -42.77 -23.46
CA PRO A 324 -10.10 -41.76 -23.55
C PRO A 324 -11.56 -42.23 -23.37
N ASP A 325 -11.80 -43.55 -23.29
CA ASP A 325 -13.15 -44.14 -23.06
C ASP A 325 -13.26 -44.61 -21.60
N ASN A 326 -12.25 -45.33 -21.12
CA ASN A 326 -12.27 -46.00 -19.78
C ASN A 326 -11.40 -45.22 -18.79
N THR A 327 -11.56 -43.88 -18.75
CA THR A 327 -11.17 -43.01 -17.61
C THR A 327 -12.30 -41.98 -17.36
N GLU A 328 -12.53 -41.67 -16.08
CA GLU A 328 -13.65 -40.84 -15.59
C GLU A 328 -13.30 -39.35 -15.75
N PHE A 329 -14.06 -38.61 -16.59
CA PHE A 329 -13.88 -37.16 -16.88
C PHE A 329 -15.01 -36.32 -16.28
N ASN A 330 -14.68 -35.16 -15.71
CA ASN A 330 -15.61 -34.07 -15.30
C ASN A 330 -15.50 -32.94 -16.33
N HIS A 331 -16.63 -32.49 -16.87
CA HIS A 331 -16.71 -31.46 -17.94
C HIS A 331 -17.40 -30.23 -17.36
N VAL A 332 -16.68 -29.11 -17.33
CA VAL A 332 -17.20 -27.84 -16.77
C VAL A 332 -17.23 -26.86 -17.94
N ARG A 333 -18.32 -26.12 -18.03
CA ARG A 333 -18.43 -24.92 -18.88
C ARG A 333 -18.58 -23.75 -17.91
N PHE A 334 -17.63 -22.82 -17.86
CA PHE A 334 -17.67 -21.76 -16.83
C PHE A 334 -17.94 -20.39 -17.44
N ARG A 335 -18.46 -19.50 -16.60
CA ARG A 335 -18.50 -18.07 -16.96
C ARG A 335 -17.20 -17.45 -16.44
N VAL A 336 -16.64 -16.56 -17.24
CA VAL A 336 -15.46 -15.76 -16.87
C VAL A 336 -15.91 -14.32 -16.75
N GLY A 337 -15.73 -13.74 -15.56
CA GLY A 337 -16.07 -12.34 -15.28
C GLY A 337 -16.58 -12.21 -13.87
N ARG A 338 -17.32 -11.13 -13.59
CA ARG A 338 -17.85 -10.81 -12.25
C ARG A 338 -19.22 -10.13 -12.40
N ASN A 339 -20.03 -10.18 -11.35
CA ASN A 339 -21.30 -9.42 -11.30
C ASN A 339 -20.97 -7.93 -11.41
N ARG A 340 -21.89 -7.17 -11.97
CA ARG A 340 -21.78 -5.69 -11.96
C ARG A 340 -21.53 -5.27 -10.51
N ARG A 341 -22.29 -5.85 -9.57
CA ARG A 341 -22.10 -5.62 -8.11
C ARG A 341 -22.14 -6.97 -7.38
N ALA A 342 -21.22 -7.19 -6.44
CA ALA A 342 -21.08 -8.49 -5.74
C ALA A 342 -22.20 -8.63 -4.69
N TRP A 343 -22.59 -7.50 -4.10
CA TRP A 343 -23.54 -7.38 -2.98
C TRP A 343 -24.65 -6.43 -3.42
N VAL A 344 -25.88 -6.96 -3.54
CA VAL A 344 -27.12 -6.22 -3.92
C VAL A 344 -28.16 -6.43 -2.83
N ARG A 345 -28.60 -5.32 -2.23
CA ARG A 345 -29.59 -5.29 -1.12
C ARG A 345 -29.02 -6.11 0.04
N ASN A 346 -29.62 -7.24 0.44
CA ASN A 346 -29.16 -8.09 1.58
C ASN A 346 -28.70 -9.45 1.03
N CYS A 347 -28.29 -9.47 -0.24
CA CYS A 347 -27.67 -10.61 -0.95
C CYS A 347 -26.18 -10.35 -1.27
N VAL A 348 -25.29 -11.15 -0.68
CA VAL A 348 -23.80 -11.10 -0.85
C VAL A 348 -23.36 -12.33 -1.63
N SER A 349 -22.84 -12.15 -2.85
CA SER A 349 -22.24 -13.26 -3.67
C SER A 349 -20.78 -13.51 -3.23
N VAL A 350 -20.40 -14.78 -3.18
CA VAL A 350 -19.09 -15.32 -2.71
C VAL A 350 -18.81 -16.53 -3.60
N GLY A 351 -17.57 -16.67 -4.10
CA GLY A 351 -17.19 -17.78 -5.00
C GLY A 351 -17.70 -17.57 -6.40
N LEU A 352 -17.92 -18.67 -7.12
CA LEU A 352 -18.40 -18.70 -8.52
C LEU A 352 -19.64 -17.81 -8.72
N ALA A 353 -20.51 -17.67 -7.72
CA ALA A 353 -21.73 -16.82 -7.83
C ALA A 353 -21.34 -15.33 -7.97
N SER A 354 -20.17 -14.94 -7.42
CA SER A 354 -19.61 -13.57 -7.48
C SER A 354 -18.82 -13.35 -8.75
N CYS A 355 -17.86 -14.24 -9.03
CA CYS A 355 -16.82 -14.07 -10.08
C CYS A 355 -15.92 -15.30 -10.27
N PHE A 356 -15.33 -15.41 -11.46
CA PHE A 356 -14.39 -16.50 -11.84
C PHE A 356 -13.38 -16.02 -12.88
N VAL A 357 -12.17 -16.56 -12.75
CA VAL A 357 -11.16 -16.71 -13.84
C VAL A 357 -10.67 -18.13 -13.77
N GLU A 358 -10.17 -18.66 -14.87
CA GLU A 358 -9.42 -19.96 -14.92
C GLU A 358 -8.39 -19.98 -13.79
N PRO A 359 -8.05 -21.16 -13.24
CA PRO A 359 -7.14 -21.26 -12.09
C PRO A 359 -5.65 -21.26 -12.45
N LEU A 360 -5.28 -20.35 -13.33
CA LEU A 360 -3.93 -20.22 -13.94
C LEU A 360 -2.93 -19.77 -12.86
N GLU A 361 -3.36 -18.93 -11.94
CA GLU A 361 -2.53 -18.48 -10.78
C GLU A 361 -3.28 -18.73 -9.47
N SER A 362 -4.07 -19.82 -9.39
CA SER A 362 -4.63 -20.38 -8.13
C SER A 362 -5.48 -19.34 -7.37
N SER A 363 -6.35 -18.60 -8.07
CA SER A 363 -7.09 -17.49 -7.44
C SER A 363 -8.47 -17.90 -6.86
N GLY A 364 -8.90 -19.16 -6.98
CA GLY A 364 -10.23 -19.64 -6.51
C GLY A 364 -10.50 -19.46 -5.01
N ILE A 365 -9.76 -20.16 -4.17
CA ILE A 365 -9.88 -20.07 -2.67
C ILE A 365 -9.65 -18.61 -2.24
N TYR A 366 -8.68 -17.95 -2.84
CA TYR A 366 -8.27 -16.58 -2.46
C TYR A 366 -9.45 -15.62 -2.64
N PHE A 367 -10.15 -15.72 -3.76
CA PHE A 367 -11.35 -14.89 -4.07
C PHE A 367 -12.42 -15.09 -2.96
N ILE A 368 -12.59 -16.34 -2.51
CA ILE A 368 -13.54 -16.67 -1.42
C ILE A 368 -13.08 -16.02 -0.11
N TYR A 369 -11.83 -16.22 0.27
CA TYR A 369 -11.26 -15.73 1.55
C TYR A 369 -11.34 -14.21 1.60
N ALA A 370 -11.03 -13.57 0.48
CA ALA A 370 -10.95 -12.10 0.43
C ALA A 370 -12.37 -11.57 0.64
N ALA A 371 -13.36 -12.15 -0.06
CA ALA A 371 -14.78 -11.73 0.03
C ALA A 371 -15.28 -11.96 1.46
N ILE A 372 -15.03 -13.14 2.02
CA ILE A 372 -15.44 -13.47 3.42
C ILE A 372 -14.84 -12.45 4.40
N HIS A 373 -13.54 -12.18 4.26
CA HIS A 373 -12.77 -11.21 5.09
C HIS A 373 -13.44 -9.85 4.98
N MET A 374 -13.77 -9.43 3.75
CA MET A 374 -14.33 -8.08 3.51
C MET A 374 -15.79 -8.01 3.98
N LEU A 375 -16.54 -9.10 3.88
CA LEU A 375 -17.93 -9.20 4.44
C LEU A 375 -17.90 -8.96 5.95
N ALA A 376 -17.09 -9.70 6.70
CA ALA A 376 -16.93 -9.52 8.16
C ALA A 376 -16.57 -8.05 8.47
N LYS A 377 -15.70 -7.43 7.68
CA LYS A 377 -15.22 -6.04 7.97
C LYS A 377 -16.35 -5.05 7.67
N HIS A 378 -17.14 -5.31 6.63
CA HIS A 378 -18.22 -4.41 6.15
C HIS A 378 -19.59 -4.89 6.69
N PHE A 379 -19.62 -5.75 7.71
CA PHE A 379 -20.84 -6.50 8.09
C PHE A 379 -21.91 -5.48 8.46
N PRO A 380 -23.11 -5.58 7.87
CA PRO A 380 -24.11 -4.53 8.02
C PRO A 380 -24.94 -4.70 9.28
N ASP A 381 -25.80 -3.73 9.60
CA ASP A 381 -27.00 -3.97 10.44
C ASP A 381 -28.19 -3.93 9.49
N LYS A 382 -29.42 -3.93 10.01
CA LYS A 382 -30.62 -4.12 9.17
C LYS A 382 -30.84 -2.88 8.28
N THR A 383 -30.26 -1.72 8.61
CA THR A 383 -30.36 -0.48 7.78
C THR A 383 -29.56 -0.61 6.48
N PHE A 384 -28.65 -1.59 6.34
CA PHE A 384 -27.87 -1.86 5.10
C PHE A 384 -27.30 -0.57 4.52
N ASP A 385 -26.53 0.16 5.32
CA ASP A 385 -25.87 1.44 4.89
C ASP A 385 -25.22 1.24 3.51
N LYS A 386 -25.63 2.04 2.51
CA LYS A 386 -25.21 1.87 1.09
C LYS A 386 -23.70 2.09 0.92
N VAL A 387 -23.05 2.85 1.81
CA VAL A 387 -21.59 3.09 1.79
C VAL A 387 -20.88 1.77 2.16
N LEU A 388 -21.30 1.07 3.20
CA LEU A 388 -20.75 -0.28 3.54
C LEU A 388 -20.81 -1.20 2.32
N VAL A 389 -21.98 -1.28 1.69
CA VAL A 389 -22.23 -2.13 0.50
C VAL A 389 -21.33 -1.66 -0.64
N ASP A 390 -21.29 -0.37 -0.92
CA ASP A 390 -20.49 0.18 -2.04
C ASP A 390 -18.99 -0.12 -1.80
N ARG A 391 -18.46 0.10 -0.59
CA ARG A 391 -17.03 -0.13 -0.30
C ARG A 391 -16.72 -1.62 -0.44
N PHE A 392 -17.64 -2.52 -0.07
CA PHE A 392 -17.41 -3.96 -0.26
C PHE A 392 -17.28 -4.23 -1.77
N ASN A 393 -18.22 -3.70 -2.53
CA ASN A 393 -18.31 -3.92 -3.98
C ASN A 393 -17.01 -3.43 -4.65
N ARG A 394 -16.57 -2.22 -4.30
CA ARG A 394 -15.31 -1.61 -4.79
C ARG A 394 -14.12 -2.56 -4.56
N GLU A 395 -13.99 -3.15 -3.38
CA GLU A 395 -12.87 -4.06 -3.06
C GLU A 395 -12.94 -5.30 -3.98
N ILE A 396 -14.13 -5.87 -4.19
CA ILE A 396 -14.24 -7.14 -4.97
C ILE A 396 -13.95 -6.83 -6.44
N GLU A 397 -14.42 -5.69 -6.97
CA GLU A 397 -14.26 -5.41 -8.42
C GLU A 397 -12.77 -5.17 -8.70
N GLU A 398 -12.09 -4.36 -7.87
CA GLU A 398 -10.65 -4.04 -8.02
C GLU A 398 -9.84 -5.31 -7.86
N MET A 399 -10.18 -6.15 -6.88
CA MET A 399 -9.49 -7.44 -6.63
C MET A 399 -9.54 -8.25 -7.92
N PHE A 400 -10.73 -8.38 -8.51
CA PHE A 400 -10.97 -9.27 -9.68
C PHE A 400 -10.27 -8.75 -10.95
N ASP A 401 -10.53 -7.50 -11.31
CA ASP A 401 -9.99 -6.86 -12.53
C ASP A 401 -8.44 -6.91 -12.49
N ASP A 402 -7.85 -6.64 -11.34
CA ASP A 402 -6.40 -6.73 -11.12
C ASP A 402 -5.91 -8.12 -11.56
N THR A 403 -6.57 -9.17 -11.14
CA THR A 403 -6.11 -10.56 -11.37
C THR A 403 -6.45 -10.97 -12.80
N ARG A 404 -7.57 -10.50 -13.35
CA ARG A 404 -7.94 -10.73 -14.77
C ARG A 404 -6.83 -10.21 -15.70
N ASP A 405 -6.47 -8.96 -15.50
CA ASP A 405 -5.37 -8.25 -16.20
C ASP A 405 -4.05 -9.04 -16.10
N PHE A 406 -3.64 -9.41 -14.88
CA PHE A 406 -2.41 -10.20 -14.64
C PHE A 406 -2.45 -11.47 -15.48
N LEU A 407 -3.61 -12.11 -15.53
CA LEU A 407 -3.79 -13.40 -16.25
C LEU A 407 -3.71 -13.15 -17.76
N GLN A 408 -4.32 -12.07 -18.25
CA GLN A 408 -4.33 -11.72 -19.70
C GLN A 408 -2.87 -11.57 -20.13
N ALA A 409 -2.01 -10.95 -19.29
CA ALA A 409 -0.59 -10.72 -19.58
C ALA A 409 0.10 -12.06 -19.89
N HIS A 410 -0.36 -13.16 -19.31
CA HIS A 410 0.23 -14.50 -19.53
C HIS A 410 0.04 -14.90 -21.00
N TYR A 411 -1.10 -14.54 -21.58
CA TYR A 411 -1.50 -14.97 -22.95
C TYR A 411 -0.95 -13.95 -23.97
N TYR A 412 -1.21 -12.66 -23.76
CA TYR A 412 -0.85 -11.57 -24.69
C TYR A 412 0.67 -11.51 -24.95
N PHE A 413 1.50 -11.85 -23.96
CA PHE A 413 2.98 -11.78 -24.04
C PHE A 413 3.59 -13.17 -24.20
N SER A 414 2.79 -14.23 -24.34
CA SER A 414 3.30 -15.50 -24.91
C SER A 414 3.79 -15.20 -26.34
N PRO A 415 5.00 -15.65 -26.72
CA PRO A 415 5.51 -15.44 -28.08
C PRO A 415 4.76 -16.34 -29.09
N ARG A 416 4.14 -17.43 -28.61
CA ARG A 416 3.43 -18.46 -29.42
C ARG A 416 2.37 -17.79 -30.29
N VAL A 417 2.34 -18.21 -31.57
CA VAL A 417 1.42 -17.77 -32.65
C VAL A 417 1.14 -18.96 -33.59
N ASP A 418 1.37 -20.21 -33.14
CA ASP A 418 1.33 -21.44 -33.99
C ASP A 418 -0.09 -21.97 -34.20
N THR A 419 -1.03 -21.74 -33.28
CA THR A 419 -2.46 -22.17 -33.42
C THR A 419 -3.33 -20.93 -33.46
N PRO A 420 -4.62 -21.05 -33.88
CA PRO A 420 -5.51 -19.89 -33.97
C PRO A 420 -5.87 -19.31 -32.58
N PHE A 421 -5.91 -20.17 -31.55
CA PHE A 421 -6.06 -19.80 -30.11
C PHE A 421 -4.98 -18.76 -29.71
N TRP A 422 -3.71 -19.15 -29.79
CA TRP A 422 -2.56 -18.28 -29.40
C TRP A 422 -2.57 -16.99 -30.23
N ARG A 423 -3.00 -17.05 -31.49
CA ARG A 423 -3.07 -15.86 -32.37
C ARG A 423 -4.19 -14.95 -31.88
N ALA A 424 -5.35 -15.50 -31.51
CA ALA A 424 -6.55 -14.69 -31.14
C ALA A 424 -6.28 -13.93 -29.84
N ASN A 425 -5.50 -14.55 -28.94
CA ASN A 425 -5.01 -13.89 -27.69
C ASN A 425 -4.46 -12.52 -28.04
N LYS A 426 -3.68 -12.42 -29.13
CA LYS A 426 -2.94 -11.18 -29.49
C LYS A 426 -3.87 -10.19 -30.16
N GLU A 427 -5.08 -10.61 -30.54
CA GLU A 427 -6.12 -9.72 -31.11
C GLU A 427 -6.90 -9.01 -30.00
N LEU A 428 -6.97 -9.57 -28.79
CA LEU A 428 -7.68 -8.95 -27.63
C LEU A 428 -6.99 -7.63 -27.25
N LYS A 429 -7.74 -6.65 -26.77
CA LYS A 429 -7.18 -5.43 -26.13
C LYS A 429 -6.66 -5.79 -24.73
N LEU A 430 -5.58 -5.15 -24.30
CA LEU A 430 -5.13 -5.10 -22.88
C LEU A 430 -5.89 -3.96 -22.21
N ALA A 431 -6.31 -4.15 -20.95
CA ALA A 431 -6.86 -3.05 -20.15
C ALA A 431 -5.75 -2.00 -19.97
N ASP A 432 -6.14 -0.74 -19.84
CA ASP A 432 -5.24 0.39 -19.52
C ASP A 432 -4.30 -0.03 -18.39
N SER A 433 -4.84 -0.50 -17.28
CA SER A 433 -4.12 -0.76 -16.01
C SER A 433 -2.83 -1.52 -16.32
N ILE A 434 -2.91 -2.53 -17.19
CA ILE A 434 -1.82 -3.49 -17.45
C ILE A 434 -0.89 -2.99 -18.57
N LYS A 435 -1.37 -2.07 -19.42
CA LYS A 435 -0.57 -1.39 -20.46
C LYS A 435 0.44 -0.49 -19.74
N ASP A 436 -0.07 0.30 -18.82
CA ASP A 436 0.72 1.23 -17.99
C ASP A 436 1.86 0.47 -17.28
N LYS A 437 1.58 -0.70 -16.72
CA LYS A 437 2.55 -1.51 -15.93
C LYS A 437 3.62 -2.09 -16.86
N VAL A 438 3.21 -2.52 -18.05
CA VAL A 438 4.14 -3.02 -19.12
C VAL A 438 5.11 -1.90 -19.51
N GLU A 439 4.60 -0.70 -19.73
CA GLU A 439 5.41 0.48 -20.11
C GLU A 439 6.41 0.77 -18.98
N THR A 440 5.98 0.69 -17.73
CA THR A 440 6.82 0.95 -16.53
C THR A 440 7.95 -0.09 -16.49
N TYR A 441 7.61 -1.36 -16.63
CA TYR A 441 8.54 -2.50 -16.66
C TYR A 441 9.57 -2.30 -17.77
N ARG A 442 9.09 -1.88 -18.94
CA ARG A 442 9.89 -1.81 -20.18
C ARG A 442 10.94 -0.69 -20.07
N ALA A 443 10.70 0.33 -19.24
CA ALA A 443 11.69 1.39 -18.92
C ALA A 443 12.64 0.96 -17.79
N GLY A 444 12.56 -0.28 -17.32
CA GLY A 444 13.43 -0.80 -16.24
C GLY A 444 12.93 -0.51 -14.82
N LEU A 445 11.79 0.18 -14.67
CA LEU A 445 11.23 0.56 -13.33
C LEU A 445 10.53 -0.63 -12.71
N PRO A 446 10.49 -0.71 -11.36
CA PRO A 446 9.74 -1.76 -10.69
C PRO A 446 8.23 -1.53 -10.89
N VAL A 447 7.46 -2.60 -10.82
CA VAL A 447 5.98 -2.57 -10.86
C VAL A 447 5.47 -3.06 -9.50
N ASN A 448 4.65 -2.26 -8.78
CA ASN A 448 4.07 -2.73 -7.49
C ASN A 448 5.19 -3.20 -6.54
N LEU A 449 6.13 -2.31 -6.22
CA LEU A 449 7.24 -2.57 -5.27
C LEU A 449 6.61 -2.95 -3.94
N PRO A 450 6.99 -4.08 -3.30
CA PRO A 450 6.55 -4.36 -1.95
C PRO A 450 7.19 -3.37 -0.96
N VAL A 451 6.38 -2.96 0.02
CA VAL A 451 6.67 -1.84 0.96
C VAL A 451 6.82 -2.37 2.40
N THR A 452 6.59 -3.67 2.63
CA THR A 452 6.77 -4.38 3.93
C THR A 452 7.73 -5.58 3.74
N ASP A 453 8.27 -6.10 4.84
CA ASP A 453 8.96 -7.42 4.93
C ASP A 453 7.93 -8.55 4.80
N GLU A 454 8.40 -9.81 4.70
CA GLU A 454 7.58 -11.03 4.48
C GLU A 454 6.68 -11.31 5.67
N GLY A 455 7.18 -11.07 6.89
CA GLY A 455 6.45 -11.26 8.16
C GLY A 455 5.13 -10.48 8.17
N THR A 456 5.19 -9.19 7.85
CA THR A 456 4.04 -8.25 7.80
C THR A 456 3.10 -8.66 6.65
N TYR A 457 3.69 -8.94 5.50
CA TYR A 457 2.98 -9.24 4.22
C TYR A 457 2.08 -10.46 4.42
N TYR A 458 2.62 -11.55 4.99
CA TYR A 458 1.90 -12.84 5.14
C TYR A 458 1.19 -12.91 6.49
N GLY A 459 1.49 -11.96 7.38
CA GLY A 459 0.90 -11.84 8.73
C GLY A 459 -0.34 -10.92 8.80
N ASN A 460 -0.42 -9.87 7.99
CA ASN A 460 -1.59 -8.95 7.96
C ASN A 460 -2.20 -9.00 6.55
N PHE A 461 -3.38 -9.62 6.41
CA PHE A 461 -4.05 -9.82 5.10
C PHE A 461 -4.17 -8.49 4.34
N GLU A 462 -4.42 -7.40 5.05
CA GLU A 462 -4.62 -6.04 4.50
C GLU A 462 -3.37 -5.58 3.73
N ALA A 463 -2.17 -5.94 4.18
CA ALA A 463 -0.88 -5.60 3.53
C ALA A 463 -0.76 -6.36 2.21
N GLU A 464 -1.08 -7.65 2.23
CA GLU A 464 -1.10 -8.49 1.00
C GLU A 464 -2.19 -8.01 0.04
N PHE A 465 -3.37 -7.65 0.54
CA PHE A 465 -4.54 -7.35 -0.33
C PHE A 465 -4.29 -6.07 -1.17
N ARG A 466 -3.55 -5.10 -0.63
CA ARG A 466 -3.22 -3.81 -1.32
C ARG A 466 -2.01 -3.96 -2.25
N ASN A 467 -1.36 -5.11 -2.29
CA ASN A 467 -0.10 -5.32 -3.06
C ASN A 467 -0.02 -6.81 -3.44
N PHE A 468 -1.03 -7.35 -4.12
CA PHE A 468 -1.18 -8.82 -4.21
C PHE A 468 -0.17 -9.37 -5.20
N TRP A 469 -0.11 -8.79 -6.41
CA TRP A 469 0.87 -9.15 -7.46
C TRP A 469 1.99 -8.13 -7.37
N THR A 470 3.10 -8.47 -6.70
CA THR A 470 4.25 -7.54 -6.50
C THR A 470 5.17 -7.58 -7.73
N ASN A 471 6.10 -6.63 -7.77
CA ASN A 471 7.26 -6.55 -8.69
C ASN A 471 7.79 -7.94 -9.05
N GLY A 472 8.00 -8.81 -8.06
CA GLY A 472 8.54 -10.18 -8.28
C GLY A 472 7.68 -11.01 -9.20
N SER A 473 6.36 -10.91 -9.06
CA SER A 473 5.38 -11.73 -9.83
C SER A 473 5.35 -11.24 -11.28
N TYR A 474 5.36 -9.92 -11.51
CA TYR A 474 5.48 -9.32 -12.87
C TYR A 474 6.79 -9.83 -13.52
N TYR A 475 7.93 -9.83 -12.83
CA TYR A 475 9.21 -10.32 -13.40
C TYR A 475 9.08 -11.80 -13.72
N CYS A 476 8.54 -12.62 -12.81
CA CYS A 476 8.39 -14.09 -13.02
C CYS A 476 7.69 -14.33 -14.35
N ILE A 477 6.64 -13.55 -14.66
CA ILE A 477 5.77 -13.83 -15.84
C ILE A 477 6.34 -13.14 -17.09
N PHE A 478 6.60 -11.84 -17.05
CA PHE A 478 7.22 -11.09 -18.17
C PHE A 478 8.54 -11.77 -18.58
N ALA A 479 9.54 -11.82 -17.70
CA ALA A 479 10.88 -12.38 -18.01
C ALA A 479 10.76 -13.86 -18.38
N GLY A 480 9.88 -14.59 -17.69
CA GLY A 480 9.65 -16.02 -18.00
C GLY A 480 9.17 -16.22 -19.42
N LEU A 481 8.29 -15.34 -19.91
CA LEU A 481 7.76 -15.45 -21.29
C LEU A 481 8.75 -14.83 -22.30
N GLY A 482 9.77 -14.11 -21.81
CA GLY A 482 10.81 -13.49 -22.64
C GLY A 482 10.55 -12.03 -22.94
N LEU A 483 9.60 -11.39 -22.28
CA LEU A 483 9.49 -9.92 -22.35
C LEU A 483 10.52 -9.37 -21.36
N MET A 484 11.39 -8.49 -21.84
CA MET A 484 12.47 -7.89 -21.03
C MET A 484 12.30 -6.38 -21.06
N PRO A 485 12.86 -5.65 -20.09
CA PRO A 485 12.94 -4.19 -20.21
C PRO A 485 13.76 -3.83 -21.46
N ARG A 486 13.50 -2.65 -22.05
CA ARG A 486 14.25 -2.11 -23.22
C ARG A 486 15.72 -2.00 -22.82
N ASN A 487 15.98 -1.54 -21.59
CA ASN A 487 17.32 -1.28 -21.04
C ASN A 487 17.28 -1.49 -19.54
N PRO A 488 18.44 -1.70 -18.89
CA PRO A 488 18.48 -1.72 -17.43
C PRO A 488 17.95 -0.39 -16.87
N LEU A 489 17.62 -0.40 -15.58
CA LEU A 489 17.28 0.80 -14.79
C LEU A 489 18.48 1.75 -14.82
N PRO A 490 18.33 2.94 -15.46
CA PRO A 490 19.45 3.86 -15.64
C PRO A 490 20.25 4.18 -14.37
N ALA A 491 19.58 4.25 -13.22
CA ALA A 491 20.19 4.54 -11.90
C ALA A 491 21.37 3.58 -11.63
N LEU A 492 21.25 2.32 -12.05
CA LEU A 492 22.26 1.27 -11.79
C LEU A 492 23.62 1.61 -12.43
N ALA A 493 23.63 2.41 -13.50
CA ALA A 493 24.84 2.84 -14.22
C ALA A 493 25.67 3.76 -13.31
N TYR A 494 25.07 4.35 -12.28
CA TYR A 494 25.75 5.28 -11.36
C TYR A 494 26.07 4.67 -9.98
N LYS A 495 25.90 3.35 -9.81
CA LYS A 495 25.86 2.72 -8.45
C LYS A 495 26.70 1.45 -8.39
N PRO A 496 28.02 1.53 -8.65
CA PRO A 496 28.90 0.35 -8.62
C PRO A 496 28.93 -0.39 -7.27
N GLN A 497 28.91 0.32 -6.15
CA GLN A 497 28.83 -0.33 -4.81
C GLN A 497 27.53 -1.15 -4.68
N SER A 498 26.43 -0.69 -5.28
CA SER A 498 25.09 -1.34 -5.19
C SER A 498 25.10 -2.61 -6.03
N ILE A 499 25.67 -2.54 -7.25
CA ILE A 499 25.90 -3.72 -8.13
C ILE A 499 26.56 -4.80 -7.27
N ALA A 500 27.63 -4.42 -6.56
CA ALA A 500 28.49 -5.36 -5.80
C ALA A 500 27.67 -5.93 -4.63
N GLU A 501 26.90 -5.10 -3.94
CA GLU A 501 26.02 -5.56 -2.83
C GLU A 501 25.03 -6.58 -3.39
N ALA A 502 24.48 -6.35 -4.59
CA ALA A 502 23.55 -7.30 -5.24
C ALA A 502 24.25 -8.63 -5.53
N GLU A 503 25.56 -8.61 -5.84
CA GLU A 503 26.34 -9.84 -6.18
C GLU A 503 26.39 -10.73 -4.94
N LEU A 504 26.45 -10.14 -3.75
CA LEU A 504 26.42 -10.92 -2.49
C LEU A 504 25.03 -11.54 -2.34
N LEU A 505 23.95 -10.83 -2.72
CA LEU A 505 22.55 -11.37 -2.59
C LEU A 505 22.42 -12.59 -3.52
N PHE A 506 22.98 -12.52 -4.74
CA PHE A 506 22.91 -13.65 -5.71
C PHE A 506 23.65 -14.84 -5.11
N ALA A 507 24.79 -14.57 -4.49
CA ALA A 507 25.66 -15.57 -3.82
C ALA A 507 24.88 -16.21 -2.67
N ASP A 508 24.25 -15.41 -1.81
CA ASP A 508 23.34 -15.88 -0.72
C ASP A 508 22.26 -16.80 -1.34
N VAL A 509 21.64 -16.43 -2.45
CA VAL A 509 20.58 -17.30 -3.07
C VAL A 509 21.19 -18.66 -3.47
N LYS A 510 22.38 -18.65 -4.09
CA LYS A 510 23.10 -19.86 -4.54
C LYS A 510 23.38 -20.77 -3.33
N ARG A 511 23.99 -20.23 -2.29
CA ARG A 511 24.41 -20.94 -1.04
C ARG A 511 23.20 -21.62 -0.40
N LYS A 512 22.14 -20.85 -0.09
CA LYS A 512 20.88 -21.33 0.53
C LYS A 512 20.31 -22.48 -0.32
N GLY A 513 20.17 -22.23 -1.63
CA GLY A 513 19.70 -23.26 -2.59
C GLY A 513 20.52 -24.54 -2.47
N ASP A 514 21.85 -24.46 -2.57
CA ASP A 514 22.78 -25.61 -2.53
C ASP A 514 22.69 -26.27 -1.14
N THR A 515 22.82 -25.50 -0.04
CA THR A 515 22.76 -26.05 1.35
C THR A 515 21.46 -26.86 1.51
N LEU A 516 20.32 -26.28 1.13
CA LEU A 516 18.98 -26.88 1.34
C LEU A 516 18.72 -28.03 0.36
N VAL A 517 19.21 -27.97 -0.87
CA VAL A 517 18.99 -29.06 -1.87
C VAL A 517 19.66 -30.33 -1.36
N GLU A 518 20.60 -30.20 -0.41
CA GLU A 518 21.38 -31.32 0.18
C GLU A 518 20.74 -31.78 1.50
N SER A 519 20.26 -30.86 2.36
CA SER A 519 19.82 -31.17 3.75
C SER A 519 18.32 -31.50 3.85
N LEU A 520 17.50 -31.15 2.86
CA LEU A 520 16.01 -31.29 2.94
C LEU A 520 15.57 -32.68 2.53
N PRO A 521 14.47 -33.21 3.13
CA PRO A 521 13.83 -34.40 2.60
C PRO A 521 13.09 -34.11 1.29
N SER A 522 12.82 -35.17 0.52
CA SER A 522 11.97 -35.08 -0.69
C SER A 522 10.55 -34.69 -0.26
N THR A 523 9.78 -34.07 -1.15
CA THR A 523 8.35 -33.82 -0.90
C THR A 523 7.75 -35.16 -0.47
N TYR A 524 8.04 -36.22 -1.22
CA TYR A 524 7.54 -37.61 -0.98
C TYR A 524 7.72 -38.01 0.47
N ASP A 525 8.94 -37.90 0.99
CA ASP A 525 9.27 -38.37 2.36
C ASP A 525 8.55 -37.51 3.40
N LEU A 526 8.36 -36.20 3.15
CA LEU A 526 7.63 -35.34 4.12
C LEU A 526 6.14 -35.74 4.11
N LEU A 527 5.56 -36.00 2.95
CA LEU A 527 4.14 -36.42 2.81
C LEU A 527 3.92 -37.75 3.53
N ARG A 528 4.76 -38.74 3.23
CA ARG A 528 4.75 -40.08 3.89
C ARG A 528 4.71 -39.88 5.40
N GLN A 529 5.56 -39.03 5.96
CA GLN A 529 5.60 -38.79 7.42
C GLN A 529 4.31 -38.11 7.89
N LEU A 530 3.80 -37.13 7.13
CA LEU A 530 2.63 -36.29 7.53
C LEU A 530 1.35 -37.14 7.61
N HIS A 531 1.10 -37.99 6.62
CA HIS A 531 -0.11 -38.85 6.54
C HIS A 531 0.23 -40.23 7.15
N GLY A 532 0.87 -40.24 8.33
CA GLY A 532 1.52 -41.42 8.95
C GLY A 532 0.65 -42.67 8.88
N GLY B 4 29.54 2.43 -25.11
CA GLY B 4 29.97 3.84 -24.85
C GLY B 4 29.69 4.28 -23.43
N ASP B 5 29.31 5.54 -23.23
CA ASP B 5 28.95 6.14 -21.91
C ASP B 5 27.96 7.29 -22.14
N ASN B 6 26.66 7.01 -21.99
CA ASN B 6 25.55 7.98 -22.22
C ASN B 6 25.13 8.64 -20.90
N ARG B 7 25.83 8.37 -19.80
CA ARG B 7 25.43 8.83 -18.45
C ARG B 7 25.53 10.36 -18.34
N ILE B 8 24.67 10.92 -17.50
CA ILE B 8 24.81 12.25 -16.89
C ILE B 8 26.21 12.30 -16.27
N LYS B 9 26.96 13.38 -16.52
CA LYS B 9 28.34 13.56 -16.03
C LYS B 9 28.34 14.65 -14.97
N THR B 10 27.55 15.71 -15.19
CA THR B 10 27.47 16.86 -14.27
C THR B 10 26.01 17.21 -13.99
N VAL B 11 25.73 17.53 -12.73
CA VAL B 11 24.41 18.01 -12.25
C VAL B 11 24.65 19.38 -11.67
N VAL B 12 23.86 20.36 -12.11
CA VAL B 12 23.88 21.73 -11.54
C VAL B 12 22.55 21.99 -10.82
N ILE B 13 22.66 22.36 -9.56
CA ILE B 13 21.52 22.70 -8.66
C ILE B 13 21.50 24.21 -8.50
N LEU B 14 20.46 24.85 -9.00
CA LEU B 14 20.27 26.30 -8.82
C LEU B 14 19.53 26.53 -7.50
N GLY B 15 20.19 27.17 -6.54
CA GLY B 15 19.62 27.56 -5.23
C GLY B 15 20.20 26.69 -4.14
N GLY B 16 20.51 27.29 -2.98
CA GLY B 16 20.91 26.57 -1.77
C GLY B 16 19.70 26.34 -0.86
N GLY B 17 19.85 26.77 0.39
CA GLY B 17 18.86 26.52 1.45
C GLY B 17 18.67 25.04 1.63
N THR B 18 17.54 24.64 2.22
CA THR B 18 17.21 23.23 2.50
C THR B 18 17.11 22.43 1.19
N ALA B 19 16.38 22.93 0.20
CA ALA B 19 16.08 22.16 -1.04
C ALA B 19 17.42 21.88 -1.76
N GLY B 20 18.26 22.90 -1.91
CA GLY B 20 19.54 22.83 -2.64
C GLY B 20 20.50 21.85 -2.00
N TRP B 21 20.79 22.04 -0.72
CA TRP B 21 21.81 21.27 0.02
C TRP B 21 21.29 19.87 0.39
N MET B 22 19.98 19.69 0.55
CA MET B 22 19.41 18.34 0.72
C MET B 22 19.62 17.57 -0.58
N THR B 23 19.30 18.18 -1.73
CA THR B 23 19.47 17.55 -3.07
C THR B 23 20.94 17.21 -3.28
N ALA B 24 21.83 18.17 -3.03
CA ALA B 24 23.29 18.02 -3.22
C ALA B 24 23.79 16.84 -2.39
N ALA B 25 23.49 16.83 -1.10
CA ALA B 25 23.96 15.81 -0.14
C ALA B 25 23.42 14.43 -0.55
N TYR B 26 22.13 14.35 -0.86
CA TYR B 26 21.44 13.06 -1.15
C TYR B 26 22.02 12.48 -2.43
N LEU B 27 22.08 13.29 -3.50
CA LEU B 27 22.64 12.85 -4.79
C LEU B 27 24.13 12.49 -4.63
N GLY B 28 24.88 13.23 -3.80
CA GLY B 28 26.29 12.89 -3.48
C GLY B 28 26.42 11.43 -3.07
N LYS B 29 25.57 10.96 -2.16
CA LYS B 29 25.56 9.57 -1.66
C LYS B 29 24.99 8.64 -2.73
N ALA B 30 23.87 9.01 -3.34
CA ALA B 30 23.11 8.15 -4.27
C ALA B 30 23.94 7.83 -5.51
N LEU B 31 24.71 8.80 -6.01
CA LEU B 31 25.39 8.67 -7.31
C LEU B 31 26.87 8.25 -7.12
N GLN B 32 27.29 8.00 -5.88
CA GLN B 32 28.51 7.21 -5.56
C GLN B 32 29.74 7.80 -6.28
N ASN B 33 29.78 9.14 -6.36
CA ASN B 33 30.90 9.92 -6.96
C ASN B 33 31.09 9.59 -8.45
N THR B 34 30.07 9.07 -9.15
CA THR B 34 30.14 8.87 -10.63
C THR B 34 29.72 10.16 -11.35
N VAL B 35 29.30 11.18 -10.61
CA VAL B 35 28.71 12.40 -11.17
C VAL B 35 29.25 13.61 -10.41
N LYS B 36 29.58 14.67 -11.16
CA LYS B 36 29.98 15.98 -10.58
C LYS B 36 28.70 16.72 -10.19
N ILE B 37 28.69 17.30 -9.01
CA ILE B 37 27.52 18.05 -8.49
C ILE B 37 27.94 19.48 -8.18
N VAL B 38 27.22 20.45 -8.72
CA VAL B 38 27.48 21.89 -8.46
C VAL B 38 26.20 22.49 -7.88
N VAL B 39 26.35 23.26 -6.81
CA VAL B 39 25.33 24.17 -6.24
C VAL B 39 25.72 25.62 -6.57
N LEU B 40 24.91 26.31 -7.37
CA LEU B 40 24.97 27.79 -7.54
C LEU B 40 24.02 28.47 -6.55
N GLU B 41 24.56 29.14 -5.53
CA GLU B 41 23.79 29.86 -4.48
C GLU B 41 24.23 31.33 -4.38
N ALA B 42 23.31 32.28 -4.59
CA ALA B 42 23.52 33.73 -4.27
C ALA B 42 23.94 33.84 -2.81
N PRO B 43 24.94 34.69 -2.45
CA PRO B 43 25.35 34.84 -1.06
C PRO B 43 24.19 35.23 -0.13
N THR B 44 24.24 34.71 1.11
CA THR B 44 23.08 34.57 2.03
C THR B 44 22.81 35.87 2.81
N ILE B 45 21.80 36.64 2.40
CA ILE B 45 21.25 37.81 3.17
C ILE B 45 20.59 37.28 4.44
N PRO B 46 21.05 37.67 5.65
CA PRO B 46 20.72 36.92 6.86
C PRO B 46 19.29 37.29 7.29
N ARG B 47 18.47 36.28 7.61
CA ARG B 47 17.06 36.48 8.07
C ARG B 47 16.87 35.67 9.36
N ILE B 48 16.06 36.19 10.29
CA ILE B 48 15.87 35.59 11.65
C ILE B 48 15.20 34.22 11.49
N GLY B 49 15.73 33.19 12.18
CA GLY B 49 15.27 31.79 12.12
C GLY B 49 13.85 31.59 12.65
N VAL B 50 12.85 31.71 11.77
CA VAL B 50 11.38 31.69 12.05
C VAL B 50 10.89 30.26 12.37
N GLY B 51 11.79 29.27 12.30
CA GLY B 51 11.52 27.88 12.70
C GLY B 51 10.83 27.08 11.60
N GLU B 52 11.11 25.78 11.57
CA GLU B 52 10.51 24.84 10.58
C GLU B 52 10.23 23.53 11.32
N ALA B 53 9.08 22.91 11.02
CA ALA B 53 8.65 21.62 11.60
C ALA B 53 8.70 20.53 10.51
N THR B 54 8.80 19.27 10.96
CA THR B 54 9.00 18.07 10.12
C THR B 54 8.06 16.94 10.52
N VAL B 55 8.14 15.83 9.80
CA VAL B 55 7.42 14.57 10.14
C VAL B 55 8.47 13.51 10.48
N PRO B 56 8.09 12.45 11.21
CA PRO B 56 9.05 11.50 11.77
C PRO B 56 9.96 10.68 10.83
N ASN B 57 9.63 10.54 9.54
CA ASN B 57 10.48 9.74 8.61
C ASN B 57 11.75 10.51 8.21
N LEU B 58 11.89 11.80 8.56
CA LEU B 58 13.09 12.63 8.21
C LEU B 58 14.40 11.92 8.60
N GLN B 59 14.51 11.32 9.78
CA GLN B 59 15.78 10.68 10.21
C GLN B 59 16.00 9.41 9.38
N ARG B 60 14.96 8.61 9.16
CA ARG B 60 15.06 7.30 8.46
C ARG B 60 15.34 7.52 6.97
N ALA B 61 14.56 8.36 6.31
CA ALA B 61 14.55 8.57 4.84
C ALA B 61 15.74 9.42 4.38
N PHE B 62 16.35 10.22 5.26
CA PHE B 62 17.35 11.25 4.87
C PHE B 62 18.66 11.10 5.67
N PHE B 63 18.69 11.51 6.92
CA PHE B 63 19.94 11.58 7.72
C PHE B 63 20.59 10.20 7.81
N ASP B 64 19.80 9.12 7.95
CA ASP B 64 20.29 7.72 8.05
C ASP B 64 20.92 7.29 6.71
N TYR B 65 20.32 7.67 5.57
CA TYR B 65 20.85 7.38 4.20
C TYR B 65 22.25 7.97 4.08
N LEU B 66 22.44 9.16 4.66
CA LEU B 66 23.68 9.96 4.62
C LEU B 66 24.66 9.50 5.70
N GLY B 67 24.23 8.66 6.66
CA GLY B 67 25.08 8.17 7.76
C GLY B 67 25.31 9.23 8.83
N ILE B 68 24.42 10.22 8.93
CA ILE B 68 24.54 11.34 9.91
C ILE B 68 23.71 10.97 11.14
N PRO B 69 24.32 10.78 12.34
CA PRO B 69 23.56 10.45 13.54
C PRO B 69 22.60 11.59 13.92
N GLU B 70 21.45 11.26 14.51
CA GLU B 70 20.37 12.24 14.87
C GLU B 70 20.95 13.36 15.75
N GLU B 71 21.66 13.00 16.83
CA GLU B 71 22.19 13.97 17.81
C GLU B 71 23.15 14.96 17.10
N GLU B 72 23.91 14.50 16.11
CA GLU B 72 24.96 15.31 15.42
C GLU B 72 24.32 16.51 14.73
N TRP B 73 23.25 16.30 13.96
CA TRP B 73 22.65 17.39 13.13
C TRP B 73 21.78 18.30 14.00
N MET B 74 21.12 17.74 15.01
CA MET B 74 20.26 18.50 15.96
C MET B 74 21.12 19.52 16.71
N ARG B 75 22.29 19.11 17.21
CA ARG B 75 23.27 19.99 17.92
C ARG B 75 23.65 21.20 17.06
N GLU B 76 23.70 21.05 15.73
CA GLU B 76 24.22 22.10 14.81
C GLU B 76 23.09 23.01 14.30
N CYS B 77 21.83 22.80 14.68
CA CYS B 77 20.72 23.65 14.17
C CYS B 77 19.66 23.93 15.23
N ASN B 78 20.01 23.83 16.52
CA ASN B 78 19.17 24.29 17.67
C ASN B 78 17.83 23.56 17.62
N ALA B 79 17.87 22.25 17.36
CA ALA B 79 16.68 21.42 17.10
C ALA B 79 16.03 21.02 18.43
N SER B 80 14.69 20.96 18.43
CA SER B 80 13.86 20.43 19.53
C SER B 80 12.95 19.31 18.98
N TYR B 81 12.17 18.71 19.86
CA TYR B 81 11.31 17.53 19.57
C TYR B 81 9.88 17.97 19.32
N LYS B 82 9.15 17.19 18.52
CA LYS B 82 7.74 17.42 18.10
C LYS B 82 6.99 16.10 18.17
N MET B 83 6.00 16.00 19.06
CA MET B 83 5.19 14.76 19.22
C MET B 83 3.85 14.94 18.52
N ALA B 84 3.51 16.16 18.07
CA ALA B 84 2.25 16.42 17.34
C ALA B 84 2.24 17.82 16.75
N VAL B 85 1.18 18.14 16.01
CA VAL B 85 0.65 19.51 15.82
C VAL B 85 -0.59 19.64 16.73
N LYS B 86 -0.61 20.61 17.65
CA LYS B 86 -1.74 20.92 18.57
C LYS B 86 -2.56 22.06 17.96
N PHE B 87 -3.85 21.83 17.68
CA PHE B 87 -4.76 22.82 17.07
C PHE B 87 -5.58 23.54 18.15
N ILE B 88 -5.44 24.86 18.21
CA ILE B 88 -6.02 25.74 19.28
C ILE B 88 -7.01 26.72 18.66
N ASN B 89 -8.27 26.63 19.11
CA ASN B 89 -9.35 27.61 18.84
C ASN B 89 -9.85 27.41 17.41
N TRP B 90 -9.65 26.22 16.83
CA TRP B 90 -10.10 25.95 15.43
C TRP B 90 -11.62 25.77 15.35
N ARG B 91 -12.30 25.71 16.49
CA ARG B 91 -13.76 25.42 16.57
C ARG B 91 -14.58 26.62 17.08
N THR B 92 -13.94 27.58 17.75
CA THR B 92 -14.59 28.71 18.46
C THR B 92 -14.28 30.03 17.77
N PRO B 93 -15.29 30.94 17.60
CA PRO B 93 -15.07 32.23 16.92
C PRO B 93 -14.25 33.26 17.71
N GLY B 94 -13.80 34.33 17.02
CA GLY B 94 -13.20 35.55 17.61
C GLY B 94 -11.72 35.73 17.30
N GLU B 95 -11.09 36.71 17.95
CA GLU B 95 -9.67 37.12 17.74
C GLU B 95 -8.76 35.99 18.19
N GLY B 96 -7.56 35.92 17.59
CA GLY B 96 -6.51 34.95 17.97
C GLY B 96 -6.14 35.08 19.43
N SER B 97 -5.71 33.99 20.06
CA SER B 97 -5.15 33.99 21.44
C SER B 97 -4.37 32.70 21.64
N PRO B 98 -3.21 32.72 22.34
CA PRO B 98 -2.48 31.50 22.69
C PRO B 98 -3.30 30.55 23.55
N ASP B 99 -4.29 31.09 24.26
CA ASP B 99 -5.07 30.34 25.28
C ASP B 99 -6.33 29.81 24.62
N PRO B 100 -6.71 28.56 24.93
CA PRO B 100 -7.91 27.98 24.34
C PRO B 100 -9.19 28.59 24.91
N ARG B 101 -10.07 29.05 24.03
CA ARG B 101 -11.48 29.37 24.34
C ARG B 101 -12.15 28.07 24.81
N THR B 102 -13.44 28.16 25.18
CA THR B 102 -14.25 27.08 25.78
C THR B 102 -15.37 26.70 24.80
N LEU B 103 -15.55 25.41 24.52
CA LEU B 103 -16.55 24.91 23.52
C LEU B 103 -17.97 25.09 24.04
N ASP B 104 -18.98 24.93 23.19
CA ASP B 104 -20.41 24.91 23.59
C ASP B 104 -20.63 23.89 24.73
N ASP B 105 -19.89 22.76 24.73
CA ASP B 105 -20.06 21.61 25.65
C ASP B 105 -19.15 21.76 26.88
N GLY B 106 -18.38 22.84 26.97
CA GLY B 106 -17.61 23.19 28.18
C GLY B 106 -16.15 22.80 28.10
N HIS B 107 -15.79 21.88 27.19
CA HIS B 107 -14.40 21.37 27.04
C HIS B 107 -13.53 22.46 26.38
N THR B 108 -12.21 22.35 26.57
CA THR B 108 -11.15 23.19 25.95
C THR B 108 -11.14 22.97 24.43
N ASP B 109 -11.00 24.04 23.62
CA ASP B 109 -10.83 23.94 22.14
C ASP B 109 -9.34 23.70 21.82
N THR B 110 -8.83 22.54 22.24
CA THR B 110 -7.53 21.99 21.82
C THR B 110 -7.75 20.53 21.40
N PHE B 111 -7.07 20.11 20.34
CA PHE B 111 -6.93 18.69 19.96
C PHE B 111 -5.56 18.47 19.32
N HIS B 112 -4.99 17.29 19.56
CA HIS B 112 -3.66 16.88 19.05
C HIS B 112 -3.80 16.03 17.78
N HIS B 113 -2.78 16.13 16.91
CA HIS B 113 -2.46 15.19 15.80
C HIS B 113 -1.08 14.62 16.09
N PRO B 114 -0.97 13.57 16.92
CA PRO B 114 0.30 12.91 17.17
C PRO B 114 0.62 11.84 16.12
N PHE B 115 1.81 11.24 16.21
CA PHE B 115 2.41 10.34 15.19
C PHE B 115 2.41 8.90 15.71
N GLY B 116 2.27 8.67 17.03
CA GLY B 116 1.99 7.32 17.54
C GLY B 116 0.93 6.66 16.66
N LEU B 117 1.11 5.40 16.25
CA LEU B 117 0.06 4.70 15.44
C LEU B 117 -0.68 3.74 16.36
N LEU B 118 -1.95 3.48 16.04
CA LEU B 118 -2.95 3.01 17.03
C LEU B 118 -2.86 1.49 17.08
N PRO B 119 -2.93 0.87 18.27
CA PRO B 119 -3.02 -0.57 18.36
C PRO B 119 -4.38 -1.01 17.81
N SER B 120 -4.51 -2.31 17.65
CA SER B 120 -5.69 -2.98 17.06
C SER B 120 -6.15 -4.08 18.00
N ALA B 121 -7.44 -4.38 17.95
CA ALA B 121 -8.02 -5.63 18.49
C ALA B 121 -8.93 -6.18 17.39
N ASP B 122 -8.77 -7.45 17.04
CA ASP B 122 -9.62 -8.14 16.04
C ASP B 122 -9.53 -7.36 14.71
N GLN B 123 -8.34 -6.81 14.40
CA GLN B 123 -7.98 -6.15 13.13
C GLN B 123 -8.74 -4.83 12.97
N ILE B 124 -9.30 -4.32 14.07
CA ILE B 124 -9.95 -2.98 14.11
C ILE B 124 -9.13 -2.06 15.00
N PRO B 125 -8.81 -0.84 14.50
CA PRO B 125 -7.97 0.09 15.22
C PRO B 125 -8.73 0.65 16.43
N LEU B 126 -7.98 1.04 17.46
CA LEU B 126 -8.52 1.56 18.73
C LEU B 126 -9.42 2.77 18.43
N SER B 127 -9.15 3.51 17.35
CA SER B 127 -9.99 4.65 16.88
C SER B 127 -11.47 4.25 16.89
N HIS B 128 -11.77 3.05 16.42
CA HIS B 128 -13.14 2.60 16.08
C HIS B 128 -13.87 2.23 17.37
N TYR B 129 -13.15 1.70 18.36
CA TYR B 129 -13.70 1.30 19.67
C TYR B 129 -14.00 2.57 20.45
N TRP B 130 -13.14 3.57 20.32
CA TRP B 130 -13.35 4.88 20.97
C TRP B 130 -14.61 5.49 20.41
N ALA B 131 -14.73 5.47 19.08
CA ALA B 131 -15.86 6.13 18.41
C ALA B 131 -17.16 5.49 18.88
N ALA B 132 -17.20 4.16 19.03
CA ALA B 132 -18.40 3.38 19.43
C ALA B 132 -18.89 3.92 20.78
N LYS B 133 -17.99 3.92 21.76
CA LYS B 133 -18.23 4.35 23.15
C LYS B 133 -18.68 5.83 23.17
N ARG B 134 -18.14 6.70 22.31
CA ARG B 134 -18.47 8.15 22.31
C ARG B 134 -19.90 8.32 21.77
N LEU B 135 -20.22 7.65 20.67
CA LEU B 135 -21.53 7.79 19.98
C LEU B 135 -22.65 7.13 20.81
N GLN B 136 -22.30 6.25 21.75
CA GLN B 136 -23.25 5.46 22.58
C GLN B 136 -23.24 5.99 24.03
N GLY B 137 -22.59 7.13 24.28
CA GLY B 137 -22.53 7.79 25.61
C GLY B 137 -21.68 7.06 26.65
N GLU B 138 -20.98 5.98 26.31
CA GLU B 138 -20.18 5.19 27.30
C GLU B 138 -18.84 5.88 27.64
N THR B 139 -18.45 6.99 26.97
CA THR B 139 -17.21 7.76 27.38
C THR B 139 -17.40 9.25 27.10
N ASP B 140 -16.74 10.11 27.88
CA ASP B 140 -16.69 11.57 27.66
C ASP B 140 -15.28 11.99 27.22
N GLU B 141 -14.37 11.02 27.06
CA GLU B 141 -12.94 11.25 26.70
C GLU B 141 -12.84 11.69 25.25
N ASN B 142 -11.89 12.59 24.96
CA ASN B 142 -11.56 12.98 23.57
C ASN B 142 -10.81 11.82 22.90
N PHE B 143 -10.92 11.71 21.57
CA PHE B 143 -10.13 10.73 20.78
C PHE B 143 -8.67 10.80 21.20
N ASP B 144 -8.06 12.00 21.21
CA ASP B 144 -6.58 12.11 21.40
C ASP B 144 -6.19 11.56 22.78
N GLU B 145 -7.01 11.81 23.80
CA GLU B 145 -6.73 11.49 25.23
C GLU B 145 -6.90 9.98 25.46
N ALA B 146 -7.93 9.38 24.85
CA ALA B 146 -8.25 7.95 25.01
C ALA B 146 -7.17 7.09 24.35
N CYS B 147 -6.70 7.52 23.17
CA CYS B 147 -6.10 6.62 22.14
C CYS B 147 -4.58 6.73 22.05
N PHE B 148 -3.98 7.81 22.55
CA PHE B 148 -2.53 8.06 22.50
C PHE B 148 -2.00 8.50 23.87
N ALA B 149 -1.14 7.71 24.49
CA ALA B 149 -0.35 8.09 25.68
C ALA B 149 0.38 9.42 25.41
N ASP B 150 0.73 9.68 24.14
CA ASP B 150 1.49 10.89 23.70
C ASP B 150 0.77 12.16 24.18
N THR B 151 -0.56 12.15 24.20
CA THR B 151 -1.39 13.31 24.61
C THR B 151 -1.04 13.73 26.03
N ALA B 152 -0.89 12.78 26.95
CA ALA B 152 -0.63 13.04 28.39
C ALA B 152 0.79 13.56 28.53
N ILE B 153 1.73 12.94 27.81
CA ILE B 153 3.17 13.31 27.78
C ILE B 153 3.30 14.75 27.28
N MET B 154 2.54 15.14 26.28
CA MET B 154 2.60 16.52 25.72
C MET B 154 1.96 17.52 26.70
N ASN B 155 0.86 17.15 27.37
CA ASN B 155 0.15 17.99 28.36
C ASN B 155 1.12 18.37 29.49
N ALA B 156 1.98 17.43 29.92
CA ALA B 156 3.03 17.62 30.96
C ALA B 156 4.33 18.21 30.36
N LYS B 157 4.39 18.48 29.04
CA LYS B 157 5.59 19.01 28.34
C LYS B 157 6.81 18.08 28.55
N LYS B 158 6.61 16.77 28.68
CA LYS B 158 7.73 15.82 28.87
C LYS B 158 8.33 15.46 27.50
N ALA B 159 9.54 14.87 27.52
CA ALA B 159 10.35 14.56 26.32
C ALA B 159 9.95 13.18 25.79
N PRO B 160 10.11 12.96 24.47
CA PRO B 160 9.87 11.65 23.85
C PRO B 160 10.98 10.60 24.11
N ARG B 161 12.08 11.03 24.72
CA ARG B 161 13.20 10.13 25.14
C ARG B 161 13.53 10.37 26.62
N PHE B 162 14.05 9.33 27.28
CA PHE B 162 14.69 9.41 28.62
C PHE B 162 16.12 9.99 28.45
N LEU B 163 16.71 10.46 29.57
CA LEU B 163 18.05 11.10 29.63
C LEU B 163 19.12 10.12 29.10
N ASP B 164 18.92 8.80 29.31
CA ASP B 164 19.82 7.73 28.78
C ASP B 164 19.52 7.49 27.30
N MET B 165 18.56 8.22 26.72
CA MET B 165 18.25 8.29 25.26
C MET B 165 17.46 7.06 24.78
N ARG B 166 16.91 6.25 25.69
CA ARG B 166 15.87 5.24 25.34
C ARG B 166 14.65 5.98 24.76
N ARG B 167 14.11 5.44 23.67
CA ARG B 167 12.87 5.95 23.04
C ARG B 167 11.67 5.62 23.94
N ALA B 168 10.78 6.60 24.16
CA ALA B 168 9.49 6.43 24.85
C ALA B 168 8.34 6.38 23.84
N THR B 169 8.42 7.20 22.81
CA THR B 169 7.33 7.47 21.86
C THR B 169 7.90 7.82 20.48
N ASN B 170 7.05 7.93 19.47
CA ASN B 170 7.47 8.39 18.14
C ASN B 170 7.52 9.92 18.17
N TYR B 171 8.34 10.54 17.32
CA TYR B 171 8.50 12.02 17.28
C TYR B 171 9.18 12.47 15.98
N ALA B 172 8.98 13.74 15.66
CA ALA B 172 9.65 14.51 14.58
C ALA B 172 10.45 15.66 15.23
N TRP B 173 10.75 16.72 14.45
CA TRP B 173 11.80 17.70 14.81
C TRP B 173 11.34 19.13 14.47
N HIS B 174 11.72 20.06 15.34
CA HIS B 174 11.71 21.52 15.09
C HIS B 174 13.17 21.95 14.87
N PHE B 175 13.44 22.87 13.95
CA PHE B 175 14.83 23.36 13.76
C PHE B 175 14.86 24.69 13.01
N ASP B 176 16.04 25.34 13.03
CA ASP B 176 16.41 26.50 12.17
C ASP B 176 16.78 25.97 10.78
N ALA B 177 16.00 26.33 9.77
CA ALA B 177 16.15 25.92 8.35
C ALA B 177 17.54 26.31 7.84
N SER B 178 17.96 27.57 8.05
CA SER B 178 19.22 28.13 7.48
C SER B 178 20.44 27.43 8.10
N LYS B 179 20.31 26.96 9.35
CA LYS B 179 21.39 26.23 10.06
C LYS B 179 21.46 24.77 9.62
N VAL B 180 20.32 24.16 9.27
CA VAL B 180 20.28 22.81 8.64
C VAL B 180 20.97 22.91 7.27
N ALA B 181 20.63 23.96 6.50
CA ALA B 181 21.22 24.22 5.16
C ALA B 181 22.75 24.33 5.31
N ALA B 182 23.20 25.17 6.25
CA ALA B 182 24.62 25.41 6.56
C ALA B 182 25.29 24.07 6.91
N PHE B 183 24.69 23.28 7.80
CA PHE B 183 25.25 21.98 8.22
C PHE B 183 25.42 21.06 6.99
N LEU B 184 24.44 21.09 6.09
CA LEU B 184 24.41 20.14 4.94
C LEU B 184 25.39 20.62 3.87
N ARG B 185 25.48 21.93 3.62
CA ARG B 185 26.49 22.56 2.74
C ARG B 185 27.88 22.02 3.15
N ASN B 186 28.27 22.27 4.39
CA ASN B 186 29.57 21.84 4.94
C ASN B 186 29.73 20.32 4.72
N PHE B 187 28.72 19.51 5.01
CA PHE B 187 28.82 18.04 4.84
C PHE B 187 29.04 17.72 3.36
N ALA B 188 28.32 18.36 2.44
CA ALA B 188 28.34 18.08 0.99
C ALA B 188 29.71 18.44 0.41
N VAL B 189 30.21 19.62 0.80
CA VAL B 189 31.50 20.20 0.30
C VAL B 189 32.68 19.35 0.81
N THR B 190 32.74 19.08 2.12
CA THR B 190 33.90 18.41 2.76
C THR B 190 33.83 16.88 2.62
N LYS B 191 32.65 16.27 2.53
CA LYS B 191 32.54 14.78 2.58
C LYS B 191 32.16 14.20 1.22
N GLN B 192 31.63 15.00 0.29
CA GLN B 192 31.01 14.48 -0.96
C GLN B 192 31.49 15.20 -2.21
N ALA B 193 32.54 16.03 -2.12
CA ALA B 193 33.21 16.67 -3.28
C ALA B 193 32.20 17.50 -4.09
N VAL B 194 31.17 18.03 -3.45
CA VAL B 194 30.20 18.95 -4.12
C VAL B 194 30.88 20.31 -4.26
N GLU B 195 30.67 21.00 -5.38
CA GLU B 195 31.26 22.35 -5.58
C GLU B 195 30.22 23.44 -5.28
N HIS B 196 30.51 24.25 -4.26
CA HIS B 196 29.75 25.45 -3.88
C HIS B 196 30.27 26.66 -4.70
N VAL B 197 29.47 27.15 -5.64
CA VAL B 197 29.73 28.40 -6.40
C VAL B 197 28.83 29.51 -5.83
N GLU B 198 29.43 30.49 -5.15
CA GLU B 198 28.75 31.65 -4.50
C GLU B 198 28.63 32.78 -5.52
N ASP B 199 27.52 32.83 -6.25
CA ASP B 199 27.31 33.84 -7.32
C ASP B 199 25.83 33.85 -7.68
N GLU B 200 25.39 34.90 -8.37
CA GLU B 200 24.04 34.99 -8.98
C GLU B 200 24.08 34.34 -10.36
N MET B 201 22.94 33.82 -10.80
CA MET B 201 22.72 33.35 -12.18
C MET B 201 22.18 34.55 -12.98
N THR B 202 22.63 34.74 -14.23
CA THR B 202 22.25 35.92 -15.07
C THR B 202 21.61 35.45 -16.40
N GLU B 203 22.08 34.34 -16.95
CA GLU B 203 21.48 33.75 -18.19
C GLU B 203 21.38 32.23 -18.00
N VAL B 204 20.34 31.65 -18.60
CA VAL B 204 20.16 30.19 -18.72
C VAL B 204 20.37 29.88 -20.19
N LEU B 205 21.40 29.11 -20.50
CA LEU B 205 21.73 28.73 -21.89
C LEU B 205 20.98 27.45 -22.21
N THR B 206 20.30 27.45 -23.36
CA THR B 206 19.45 26.35 -23.87
C THR B 206 19.89 26.02 -25.28
N ASP B 207 19.86 24.73 -25.64
CA ASP B 207 20.18 24.28 -27.02
C ASP B 207 18.94 24.48 -27.89
N GLU B 208 18.97 23.97 -29.13
CA GLU B 208 17.92 24.22 -30.15
C GLU B 208 16.63 23.49 -29.74
N ARG B 209 16.72 22.39 -28.98
CA ARG B 209 15.54 21.54 -28.64
C ARG B 209 15.04 21.90 -27.23
N GLY B 210 15.54 22.97 -26.62
CA GLY B 210 14.97 23.53 -25.38
C GLY B 210 15.58 22.94 -24.12
N PHE B 211 16.60 22.08 -24.23
CA PHE B 211 17.34 21.52 -23.05
C PHE B 211 18.26 22.62 -22.52
N ILE B 212 18.48 22.64 -21.21
CA ILE B 212 19.49 23.54 -20.58
C ILE B 212 20.89 22.95 -20.82
N THR B 213 21.87 23.79 -21.22
CA THR B 213 23.28 23.37 -21.46
C THR B 213 24.17 23.91 -20.34
N ALA B 214 23.82 25.06 -19.78
CA ALA B 214 24.63 25.72 -18.75
C ALA B 214 23.91 26.93 -18.18
N LEU B 215 24.36 27.35 -16.99
CA LEU B 215 24.00 28.63 -16.34
C LEU B 215 25.20 29.58 -16.43
N ARG B 216 24.99 30.81 -16.91
CA ARG B 216 26.00 31.90 -16.79
C ARG B 216 25.76 32.65 -15.47
N THR B 217 26.83 32.83 -14.69
CA THR B 217 26.87 33.55 -13.39
C THR B 217 27.18 35.03 -13.64
N LYS B 218 27.07 35.88 -12.62
CA LYS B 218 27.44 37.33 -12.69
C LYS B 218 28.92 37.44 -13.08
N SER B 219 29.79 36.69 -12.41
CA SER B 219 31.26 36.74 -12.59
C SER B 219 31.66 36.27 -14.01
N GLY B 220 30.72 35.74 -14.80
CA GLY B 220 30.96 35.31 -16.19
C GLY B 220 31.38 33.86 -16.30
N ARG B 221 31.49 33.15 -15.18
CA ARG B 221 31.70 31.68 -15.14
C ARG B 221 30.50 30.96 -15.77
N ILE B 222 30.75 29.95 -16.60
CA ILE B 222 29.71 29.16 -17.33
C ILE B 222 29.68 27.76 -16.71
N LEU B 223 28.60 27.45 -15.96
CA LEU B 223 28.41 26.15 -15.28
C LEU B 223 27.68 25.18 -16.22
N GLN B 224 28.44 24.38 -16.97
CA GLN B 224 27.92 23.35 -17.92
C GLN B 224 27.34 22.23 -17.06
N GLY B 225 26.32 21.55 -17.60
CA GLY B 225 25.66 20.41 -16.92
C GLY B 225 24.85 19.63 -17.92
N ASP B 226 24.54 18.36 -17.60
CA ASP B 226 23.61 17.50 -18.38
C ASP B 226 22.21 17.46 -17.77
N LEU B 227 22.06 17.85 -16.50
CA LEU B 227 20.80 17.81 -15.71
C LEU B 227 20.82 18.93 -14.70
N PHE B 228 19.71 19.66 -14.58
CA PHE B 228 19.58 20.88 -13.74
C PHE B 228 18.48 20.62 -12.73
N VAL B 229 18.77 20.94 -11.48
CA VAL B 229 17.76 20.89 -10.40
C VAL B 229 17.41 22.33 -10.07
N ASP B 230 16.14 22.70 -10.27
CA ASP B 230 15.62 24.03 -9.89
C ASP B 230 15.24 23.98 -8.41
N CYS B 231 16.08 24.54 -7.55
CA CYS B 231 15.80 24.84 -6.13
C CYS B 231 15.78 26.37 -5.96
N SER B 232 15.28 27.09 -6.96
CA SER B 232 15.32 28.58 -6.99
C SER B 232 14.18 29.21 -6.15
N GLY B 233 13.33 28.40 -5.51
CA GLY B 233 12.17 28.88 -4.73
C GLY B 233 11.00 29.21 -5.64
N PHE B 234 10.12 30.11 -5.18
CA PHE B 234 8.81 30.40 -5.83
C PHE B 234 8.96 30.94 -7.25
N ARG B 235 10.13 31.50 -7.59
CA ARG B 235 10.35 32.18 -8.90
C ARG B 235 10.52 31.12 -10.00
N GLY B 236 10.95 29.91 -9.64
CA GLY B 236 11.11 28.83 -10.64
C GLY B 236 11.93 29.28 -11.84
N LEU B 237 13.13 29.81 -11.58
CA LEU B 237 13.99 30.49 -12.59
C LEU B 237 14.22 29.55 -13.77
N LEU B 238 14.26 28.23 -13.53
CA LEU B 238 14.47 27.20 -14.59
C LEU B 238 13.14 26.60 -15.01
N ILE B 239 12.35 26.07 -14.07
CA ILE B 239 11.18 25.21 -14.46
C ILE B 239 10.08 26.09 -15.08
N ASN B 240 9.83 27.26 -14.52
CA ASN B 240 8.72 28.15 -14.99
C ASN B 240 9.24 29.12 -16.05
N LYS B 241 10.24 29.95 -15.70
CA LYS B 241 10.81 31.03 -16.55
C LYS B 241 11.49 30.41 -17.78
N ALA B 242 12.62 29.72 -17.61
CA ALA B 242 13.42 29.20 -18.75
C ALA B 242 12.63 28.13 -19.50
N MET B 243 12.07 27.15 -18.80
CA MET B 243 11.44 25.96 -19.43
C MET B 243 9.98 26.25 -19.81
N GLU B 244 9.35 27.29 -19.24
CA GLU B 244 7.99 27.76 -19.61
C GLU B 244 6.93 26.73 -19.18
N GLU B 245 7.22 25.90 -18.18
CA GLU B 245 6.19 25.00 -17.62
C GLU B 245 5.24 25.85 -16.78
N PRO B 246 3.93 25.81 -17.08
CA PRO B 246 2.93 26.53 -16.28
C PRO B 246 2.83 25.95 -14.87
N PHE B 247 2.64 26.84 -13.90
CA PHE B 247 2.27 26.54 -12.50
C PHE B 247 0.73 26.48 -12.42
N ILE B 248 0.20 25.42 -11.81
CA ILE B 248 -1.26 25.25 -11.59
C ILE B 248 -1.57 25.83 -10.22
N ASP B 249 -2.20 27.01 -10.18
CA ASP B 249 -2.68 27.65 -8.93
C ASP B 249 -3.80 26.77 -8.35
N MET B 250 -3.77 26.55 -7.04
CA MET B 250 -4.74 25.68 -6.34
C MET B 250 -5.30 26.44 -5.13
N SER B 251 -5.57 27.74 -5.32
CA SER B 251 -6.30 28.60 -4.36
C SER B 251 -7.81 28.29 -4.41
N ASP B 252 -8.27 27.49 -5.39
CA ASP B 252 -9.64 26.88 -5.43
C ASP B 252 -9.73 25.68 -4.47
N HIS B 253 -8.66 25.39 -3.71
CA HIS B 253 -8.58 24.24 -2.76
C HIS B 253 -8.11 24.74 -1.38
N LEU B 254 -7.20 25.71 -1.33
CA LEU B 254 -6.74 26.38 -0.09
C LEU B 254 -6.67 27.88 -0.34
N LEU B 255 -6.93 28.68 0.70
CA LEU B 255 -7.18 30.13 0.55
C LEU B 255 -5.94 30.89 0.98
N CYS B 256 -5.26 30.41 2.01
CA CYS B 256 -4.02 31.07 2.48
C CYS B 256 -3.00 31.13 1.34
N ASN B 257 -2.29 32.26 1.25
CA ASN B 257 -1.34 32.59 0.15
C ASN B 257 -0.28 33.58 0.64
N SER B 258 -0.22 33.85 1.95
CA SER B 258 0.64 34.89 2.55
C SER B 258 1.00 34.43 3.96
N ALA B 259 2.09 34.96 4.51
CA ALA B 259 2.48 34.80 5.91
C ALA B 259 3.29 36.02 6.35
N VAL B 260 3.20 36.35 7.63
CA VAL B 260 4.12 37.28 8.32
C VAL B 260 4.69 36.52 9.52
N ALA B 261 6.01 36.43 9.65
CA ALA B 261 6.69 35.59 10.65
C ALA B 261 7.75 36.38 11.42
N THR B 262 8.28 35.77 12.49
CA THR B 262 9.40 36.26 13.32
C THR B 262 9.78 35.18 14.34
N ALA B 263 10.80 35.45 15.17
CA ALA B 263 11.29 34.59 16.27
C ALA B 263 11.16 35.38 17.58
N VAL B 264 10.79 34.70 18.66
CA VAL B 264 10.35 35.31 19.95
C VAL B 264 11.20 34.71 21.07
N PRO B 265 12.02 35.52 21.78
CA PRO B 265 12.74 35.04 22.96
C PRO B 265 11.76 34.40 23.95
N HIS B 266 12.20 33.38 24.68
CA HIS B 266 11.31 32.52 25.51
C HIS B 266 12.01 32.14 26.82
N ASP B 267 11.32 32.34 27.95
CA ASP B 267 11.79 31.90 29.29
C ASP B 267 11.54 30.39 29.42
N ASP B 268 12.52 29.57 29.02
CA ASP B 268 12.44 28.08 29.10
C ASP B 268 12.66 27.61 30.55
N GLU B 269 13.08 28.49 31.45
CA GLU B 269 13.18 28.18 32.91
C GLU B 269 11.76 28.07 33.49
N LYS B 270 10.95 29.11 33.31
CA LYS B 270 9.58 29.25 33.87
C LYS B 270 8.65 28.23 33.21
N ASN B 271 8.51 28.30 31.88
CA ASN B 271 7.39 27.68 31.11
C ASN B 271 7.71 26.23 30.68
N GLY B 272 8.97 25.77 30.80
CA GLY B 272 9.45 24.56 30.12
C GLY B 272 9.37 24.73 28.61
N VAL B 273 9.57 23.66 27.83
CA VAL B 273 9.45 23.73 26.34
C VAL B 273 8.32 22.79 25.90
N GLU B 274 7.40 23.26 25.05
CA GLU B 274 6.35 22.39 24.44
C GLU B 274 7.00 21.47 23.40
N PRO B 275 6.92 20.13 23.56
CA PRO B 275 7.37 19.18 22.54
C PRO B 275 6.30 18.97 21.48
N TYR B 276 5.84 20.06 20.87
CA TYR B 276 4.85 20.03 19.79
C TYR B 276 4.78 21.40 19.12
N THR B 277 4.28 21.39 17.88
CA THR B 277 3.96 22.59 17.09
C THR B 277 2.51 22.94 17.42
N SER B 278 2.21 24.22 17.62
CA SER B 278 0.86 24.73 17.89
C SER B 278 0.35 25.38 16.61
N SER B 279 -0.89 25.08 16.21
CA SER B 279 -1.60 25.78 15.11
C SER B 279 -2.73 26.62 15.71
N ILE B 280 -2.43 27.89 16.01
CA ILE B 280 -3.29 28.85 16.76
C ILE B 280 -4.21 29.56 15.77
N ALA B 281 -5.51 29.29 15.82
CA ALA B 281 -6.49 29.85 14.86
C ALA B 281 -6.58 31.38 15.06
N MET B 282 -6.82 32.09 13.95
CA MET B 282 -6.96 33.57 13.86
C MET B 282 -8.16 33.84 12.94
N GLU B 283 -8.48 35.12 12.66
CA GLU B 283 -9.72 35.50 11.94
C GLU B 283 -9.57 35.24 10.43
N ALA B 284 -8.38 35.50 9.88
CA ALA B 284 -8.10 35.42 8.43
C ALA B 284 -7.13 34.27 8.11
N GLY B 285 -6.71 33.50 9.12
CA GLY B 285 -5.95 32.25 8.95
C GLY B 285 -5.58 31.60 10.28
N TRP B 286 -4.31 31.25 10.43
CA TRP B 286 -3.76 30.59 11.64
C TRP B 286 -2.31 31.02 11.81
N THR B 287 -1.73 30.70 12.97
CA THR B 287 -0.38 31.12 13.39
C THR B 287 0.36 29.90 13.96
N TRP B 288 1.53 29.55 13.41
CA TRP B 288 2.34 28.41 13.92
C TRP B 288 3.10 28.87 15.16
N LYS B 289 3.48 27.91 15.99
CA LYS B 289 4.46 28.13 17.08
C LYS B 289 5.36 26.90 17.16
N ILE B 290 6.65 27.12 16.95
CA ILE B 290 7.69 26.05 16.78
C ILE B 290 8.75 26.27 17.84
N PRO B 291 8.55 25.71 19.05
CA PRO B 291 9.51 25.83 20.14
C PRO B 291 10.89 25.24 19.79
N MET B 292 11.94 26.02 20.05
CA MET B 292 13.35 25.54 20.09
C MET B 292 13.97 26.04 21.39
N LEU B 293 15.14 25.52 21.74
CA LEU B 293 15.82 25.92 22.99
C LEU B 293 16.15 27.41 22.93
N GLY B 294 15.53 28.21 23.82
CA GLY B 294 15.80 29.65 23.99
C GLY B 294 14.75 30.55 23.35
N ARG B 295 14.04 30.07 22.33
CA ARG B 295 13.01 30.88 21.64
C ARG B 295 12.03 29.96 20.89
N PHE B 296 11.02 30.54 20.24
CA PHE B 296 10.03 29.81 19.42
C PHE B 296 9.77 30.59 18.14
N GLY B 297 9.80 29.92 17.00
CA GLY B 297 9.41 30.53 15.72
C GLY B 297 7.91 30.67 15.65
N SER B 298 7.41 31.74 15.04
CA SER B 298 5.95 31.92 14.80
C SER B 298 5.73 32.66 13.49
N GLY B 299 4.60 32.39 12.85
CA GLY B 299 4.19 33.04 11.61
C GLY B 299 2.69 32.93 11.45
N HIS B 300 2.02 34.06 11.22
CA HIS B 300 0.58 34.12 10.89
C HIS B 300 0.45 33.88 9.39
N VAL B 301 -0.08 32.71 9.02
CA VAL B 301 -0.49 32.34 7.64
C VAL B 301 -1.91 32.89 7.43
N TYR B 302 -2.14 33.62 6.34
CA TYR B 302 -3.43 34.30 6.04
C TYR B 302 -3.70 34.31 4.53
N SER B 303 -4.97 34.52 4.15
CA SER B 303 -5.37 34.89 2.77
C SER B 303 -5.40 36.43 2.66
N ASP B 304 -4.81 36.97 1.59
CA ASP B 304 -4.74 38.45 1.37
C ASP B 304 -6.01 38.90 0.65
N HIS B 305 -6.85 37.96 0.20
CA HIS B 305 -8.22 38.26 -0.29
C HIS B 305 -9.17 38.50 0.90
N PHE B 306 -8.74 38.25 2.15
CA PHE B 306 -9.55 38.36 3.40
C PHE B 306 -8.83 39.14 4.50
N ALA B 307 -7.58 39.55 4.28
CA ALA B 307 -6.84 40.47 5.17
C ALA B 307 -5.69 41.11 4.40
N THR B 308 -5.37 42.36 4.72
CA THR B 308 -4.17 43.09 4.24
C THR B 308 -3.01 42.72 5.15
N GLN B 309 -1.79 42.99 4.68
CA GLN B 309 -0.53 42.73 5.40
C GLN B 309 -0.54 43.43 6.75
N ASP B 310 -1.07 44.67 6.80
CA ASP B 310 -1.12 45.47 8.05
C ASP B 310 -2.10 44.79 9.03
N GLU B 311 -3.33 44.54 8.57
CA GLU B 311 -4.37 43.83 9.38
C GLU B 311 -3.70 42.60 10.03
N ALA B 312 -3.06 41.78 9.18
CA ALA B 312 -2.38 40.51 9.54
C ALA B 312 -1.24 40.75 10.55
N THR B 313 -0.40 41.76 10.30
CA THR B 313 0.78 42.09 11.16
C THR B 313 0.29 42.55 12.54
N LEU B 314 -0.73 43.43 12.56
CA LEU B 314 -1.38 43.92 13.80
C LEU B 314 -1.88 42.72 14.60
N ALA B 315 -2.75 41.90 13.97
CA ALA B 315 -3.40 40.72 14.59
C ALA B 315 -2.34 39.75 15.13
N PHE B 316 -1.28 39.50 14.34
CA PHE B 316 -0.11 38.65 14.68
C PHE B 316 0.63 39.23 15.89
N SER B 317 0.93 40.53 15.84
CA SER B 317 1.64 41.27 16.93
C SER B 317 0.81 41.23 18.21
N LYS B 318 -0.50 41.46 18.09
CA LYS B 318 -1.47 41.46 19.22
C LYS B 318 -1.36 40.11 19.97
N LEU B 319 -1.35 39.00 19.22
CA LEU B 319 -1.30 37.60 19.73
C LEU B 319 -0.22 37.44 20.82
N TRP B 320 1.02 37.85 20.53
CA TRP B 320 2.16 37.66 21.46
C TRP B 320 2.39 38.94 22.27
N GLY B 321 1.65 40.02 21.97
CA GLY B 321 1.85 41.34 22.59
C GLY B 321 3.19 41.94 22.23
N LEU B 322 3.52 41.94 20.94
CA LEU B 322 4.78 42.51 20.40
C LEU B 322 4.52 43.93 19.92
N ASP B 323 5.55 44.78 19.95
CA ASP B 323 5.54 46.16 19.42
C ASP B 323 5.53 46.09 17.88
N PRO B 324 4.38 46.37 17.21
CA PRO B 324 4.25 46.21 15.76
C PRO B 324 5.22 46.99 14.84
N ASP B 325 5.97 47.94 15.39
CA ASP B 325 6.95 48.79 14.65
C ASP B 325 8.38 48.29 14.94
N ASN B 326 8.70 48.08 16.22
CA ASN B 326 10.08 47.76 16.69
C ASN B 326 10.16 46.27 17.08
N THR B 327 9.69 45.38 16.20
CA THR B 327 10.06 43.93 16.13
C THR B 327 10.27 43.53 14.65
N GLU B 328 11.22 42.62 14.41
CA GLU B 328 11.72 42.23 13.06
C GLU B 328 10.76 41.20 12.42
N PHE B 329 10.10 41.55 11.30
CA PHE B 329 9.12 40.68 10.59
C PHE B 329 9.65 40.29 9.21
N ASN B 330 9.43 39.02 8.80
CA ASN B 330 9.64 38.48 7.43
C ASN B 330 8.26 38.32 6.77
N HIS B 331 8.05 38.85 5.57
CA HIS B 331 6.75 38.87 4.86
C HIS B 331 6.87 38.07 3.57
N VAL B 332 6.16 36.96 3.49
CA VAL B 332 6.23 36.06 2.31
C VAL B 332 4.85 36.06 1.65
N ARG B 333 4.83 36.17 0.33
CA ARG B 333 3.65 35.93 -0.53
C ARG B 333 3.98 34.65 -1.30
N PHE B 334 3.25 33.56 -1.06
CA PHE B 334 3.63 32.25 -1.66
C PHE B 334 2.64 31.82 -2.74
N ARG B 335 3.16 30.99 -3.63
CA ARG B 335 2.39 30.15 -4.57
C ARG B 335 1.83 28.95 -3.82
N VAL B 336 0.55 28.66 -4.00
CA VAL B 336 -0.07 27.41 -3.52
C VAL B 336 -0.48 26.62 -4.76
N GLY B 337 0.08 25.41 -4.89
CA GLY B 337 -0.14 24.52 -6.04
C GLY B 337 1.16 23.87 -6.43
N ARG B 338 1.22 23.39 -7.67
CA ARG B 338 2.34 22.60 -8.20
C ARG B 338 2.47 22.92 -9.69
N ASN B 339 3.65 22.69 -10.26
CA ASN B 339 3.87 22.77 -11.73
C ASN B 339 2.95 21.73 -12.37
N ARG B 340 2.48 22.01 -13.59
CA ARG B 340 1.77 21.01 -14.40
C ARG B 340 2.62 19.73 -14.41
N ARG B 341 3.93 19.86 -14.58
CA ARG B 341 4.92 18.76 -14.52
C ARG B 341 6.15 19.24 -13.73
N ALA B 342 6.63 18.44 -12.78
CA ALA B 342 7.73 18.79 -11.85
C ALA B 342 9.08 18.78 -12.61
N TRP B 343 9.19 17.89 -13.59
CA TRP B 343 10.42 17.58 -14.36
C TRP B 343 10.03 17.68 -15.85
N VAL B 344 10.65 18.64 -16.55
CA VAL B 344 10.52 18.88 -18.02
C VAL B 344 11.93 18.86 -18.62
N ARG B 345 12.14 18.03 -19.65
CA ARG B 345 13.41 17.89 -20.39
C ARG B 345 14.52 17.50 -19.41
N ASN B 346 15.52 18.35 -19.14
CA ASN B 346 16.65 18.04 -18.21
C ASN B 346 16.60 19.02 -17.05
N CYS B 347 15.39 19.50 -16.75
CA CYS B 347 15.06 20.37 -15.58
C CYS B 347 14.12 19.66 -14.60
N VAL B 348 14.60 19.43 -13.38
CA VAL B 348 13.86 18.81 -12.24
C VAL B 348 13.63 19.89 -11.18
N SER B 349 12.38 20.20 -10.86
CA SER B 349 12.03 21.12 -9.73
C SER B 349 11.93 20.32 -8.42
N VAL B 350 12.39 20.93 -7.33
CA VAL B 350 12.45 20.38 -5.95
C VAL B 350 12.23 21.57 -5.02
N GLY B 351 11.43 21.42 -3.97
CA GLY B 351 11.07 22.51 -3.05
C GLY B 351 10.07 23.47 -3.67
N LEU B 352 10.10 24.73 -3.22
CA LEU B 352 9.10 25.78 -3.59
C LEU B 352 9.00 25.93 -5.12
N ALA B 353 10.08 25.62 -5.85
CA ALA B 353 10.09 25.69 -7.33
C ALA B 353 9.14 24.64 -7.92
N SER B 354 8.93 23.53 -7.22
CA SER B 354 8.07 22.38 -7.64
C SER B 354 6.64 22.63 -7.20
N CYS B 355 6.45 22.84 -5.91
CA CYS B 355 5.11 22.87 -5.27
C CYS B 355 5.17 23.35 -3.82
N PHE B 356 4.03 23.84 -3.34
CA PHE B 356 3.88 24.35 -1.97
C PHE B 356 2.41 24.26 -1.54
N VAL B 357 2.27 23.98 -0.26
CA VAL B 357 1.07 24.27 0.57
C VAL B 357 1.60 24.90 1.84
N GLU B 358 0.75 25.69 2.49
CA GLU B 358 0.96 26.22 3.86
C GLU B 358 1.48 25.11 4.75
N PRO B 359 2.29 25.44 5.77
CA PRO B 359 2.93 24.42 6.62
C PRO B 359 2.06 23.96 7.79
N LEU B 360 0.78 23.71 7.51
CA LEU B 360 -0.26 23.36 8.51
C LEU B 360 0.05 21.98 9.11
N GLU B 361 0.58 21.05 8.30
CA GLU B 361 1.00 19.71 8.75
C GLU B 361 2.43 19.43 8.28
N SER B 362 3.27 20.48 8.24
CA SER B 362 4.75 20.39 8.24
C SER B 362 5.25 19.62 7.01
N SER B 363 4.70 19.89 5.84
CA SER B 363 4.87 19.07 4.61
C SER B 363 6.06 19.54 3.75
N GLY B 364 6.68 20.69 4.02
CA GLY B 364 7.76 21.29 3.18
C GLY B 364 9.00 20.41 3.05
N ILE B 365 9.68 20.09 4.13
CA ILE B 365 10.91 19.24 4.12
C ILE B 365 10.57 17.87 3.54
N TYR B 366 9.42 17.30 3.91
CA TYR B 366 8.96 15.97 3.44
C TYR B 366 8.89 15.96 1.91
N PHE B 367 8.29 17.00 1.32
CA PHE B 367 8.17 17.18 -0.15
C PHE B 367 9.56 17.12 -0.80
N ILE B 368 10.55 17.73 -0.15
CA ILE B 368 11.95 17.79 -0.66
C ILE B 368 12.55 16.38 -0.63
N TYR B 369 12.56 15.68 0.53
CA TYR B 369 13.25 14.36 0.58
C TYR B 369 12.46 13.33 -0.24
N ALA B 370 11.15 13.46 -0.38
CA ALA B 370 10.36 12.51 -1.19
C ALA B 370 10.76 12.67 -2.64
N ALA B 371 10.81 13.92 -3.11
CA ALA B 371 11.17 14.28 -4.50
C ALA B 371 12.61 13.81 -4.79
N ILE B 372 13.53 14.10 -3.87
CA ILE B 372 14.96 13.71 -4.03
C ILE B 372 15.06 12.19 -4.11
N HIS B 373 14.36 11.47 -3.24
CA HIS B 373 14.28 9.99 -3.22
C HIS B 373 13.76 9.50 -4.57
N MET B 374 12.73 10.14 -5.11
CA MET B 374 12.10 9.71 -6.39
C MET B 374 13.02 10.05 -7.59
N LEU B 375 13.75 11.17 -7.51
CA LEU B 375 14.76 11.57 -8.54
C LEU B 375 15.85 10.49 -8.60
N ALA B 376 16.48 10.13 -7.47
CA ALA B 376 17.49 9.05 -7.42
C ALA B 376 16.93 7.76 -8.05
N LYS B 377 15.66 7.42 -7.78
CA LYS B 377 15.09 6.14 -8.27
C LYS B 377 14.82 6.24 -9.77
N HIS B 378 14.41 7.42 -10.25
CA HIS B 378 14.08 7.65 -11.68
C HIS B 378 15.28 8.29 -12.42
N PHE B 379 16.49 8.27 -11.84
CA PHE B 379 17.66 9.04 -12.34
C PHE B 379 17.91 8.66 -13.78
N PRO B 380 17.98 9.65 -14.70
CA PRO B 380 17.98 9.36 -16.13
C PRO B 380 19.41 9.13 -16.63
N ASP B 381 19.52 8.71 -17.88
CA ASP B 381 20.75 8.94 -18.68
C ASP B 381 20.41 10.04 -19.68
N LYS B 382 21.32 10.32 -20.62
CA LYS B 382 21.21 11.52 -21.50
C LYS B 382 20.05 11.35 -22.48
N THR B 383 19.58 10.12 -22.75
CA THR B 383 18.37 9.86 -23.58
C THR B 383 17.08 10.41 -22.93
N PHE B 384 17.05 10.73 -21.63
CA PHE B 384 15.88 11.26 -20.90
C PHE B 384 14.60 10.52 -21.32
N ASP B 385 14.58 9.18 -21.19
CA ASP B 385 13.39 8.32 -21.43
C ASP B 385 12.13 8.98 -20.82
N LYS B 386 11.13 9.28 -21.65
CA LYS B 386 9.85 9.96 -21.27
C LYS B 386 9.09 9.21 -20.16
N VAL B 387 9.19 7.89 -20.10
CA VAL B 387 8.52 7.03 -19.09
C VAL B 387 9.12 7.32 -17.70
N LEU B 388 10.45 7.35 -17.58
CA LEU B 388 11.13 7.74 -16.33
C LEU B 388 10.58 9.09 -15.86
N VAL B 389 10.56 10.08 -16.75
CA VAL B 389 10.14 11.48 -16.44
C VAL B 389 8.66 11.47 -16.05
N ASP B 390 7.82 10.80 -16.83
CA ASP B 390 6.36 10.75 -16.57
C ASP B 390 6.09 10.08 -15.21
N ARG B 391 6.72 8.93 -14.91
CA ARG B 391 6.51 8.22 -13.62
C ARG B 391 7.00 9.10 -12.46
N PHE B 392 8.08 9.87 -12.63
CA PHE B 392 8.53 10.78 -11.55
C PHE B 392 7.42 11.82 -11.32
N ASN B 393 6.90 12.38 -12.40
CA ASN B 393 5.90 13.48 -12.35
C ASN B 393 4.63 12.96 -11.67
N ARG B 394 4.18 11.77 -12.06
CA ARG B 394 3.04 11.03 -11.45
C ARG B 394 3.25 10.92 -9.93
N GLU B 395 4.42 10.51 -9.45
CA GLU B 395 4.67 10.38 -7.99
C GLU B 395 4.57 11.75 -7.31
N ILE B 396 5.08 12.82 -7.92
CA ILE B 396 5.04 14.16 -7.27
C ILE B 396 3.59 14.66 -7.23
N GLU B 397 2.81 14.46 -8.28
CA GLU B 397 1.43 15.02 -8.33
C GLU B 397 0.57 14.27 -7.29
N GLU B 398 0.64 12.94 -7.24
CA GLU B 398 -0.08 12.12 -6.23
C GLU B 398 0.38 12.47 -4.81
N MET B 399 1.68 12.63 -4.57
CA MET B 399 2.22 13.03 -3.24
C MET B 399 1.55 14.34 -2.83
N PHE B 400 1.55 15.33 -3.73
CA PHE B 400 1.14 16.73 -3.43
C PHE B 400 -0.38 16.80 -3.19
N ASP B 401 -1.15 16.28 -4.15
CA ASP B 401 -2.63 16.34 -4.16
C ASP B 401 -3.13 15.63 -2.88
N ASP B 402 -2.57 14.47 -2.54
CA ASP B 402 -2.86 13.76 -1.27
C ASP B 402 -2.76 14.72 -0.09
N THR B 403 -1.67 15.48 0.03
CA THR B 403 -1.42 16.32 1.23
C THR B 403 -2.28 17.59 1.17
N ARG B 404 -2.52 18.11 -0.05
CA ARG B 404 -3.38 19.29 -0.27
C ARG B 404 -4.79 18.99 0.26
N ASP B 405 -5.35 17.86 -0.19
CA ASP B 405 -6.67 17.31 0.20
C ASP B 405 -6.73 17.15 1.74
N PHE B 406 -5.75 16.49 2.36
CA PHE B 406 -5.70 16.33 3.84
C PHE B 406 -5.82 17.70 4.49
N LEU B 407 -5.12 18.70 3.94
CA LEU B 407 -5.10 20.07 4.52
C LEU B 407 -6.48 20.72 4.34
N GLN B 408 -7.08 20.57 3.18
CA GLN B 408 -8.41 21.15 2.86
C GLN B 408 -9.42 20.64 3.90
N ALA B 409 -9.33 19.37 4.29
CA ALA B 409 -10.21 18.75 5.30
C ALA B 409 -10.13 19.55 6.60
N HIS B 410 -8.98 20.13 6.94
CA HIS B 410 -8.81 20.92 8.19
C HIS B 410 -9.68 22.19 8.13
N TYR B 411 -9.88 22.76 6.94
CA TYR B 411 -10.61 24.04 6.76
C TYR B 411 -12.10 23.75 6.60
N TYR B 412 -12.45 22.86 5.66
CA TYR B 412 -13.85 22.61 5.23
C TYR B 412 -14.73 22.16 6.40
N PHE B 413 -14.15 21.44 7.38
CA PHE B 413 -14.84 20.82 8.54
C PHE B 413 -14.58 21.61 9.82
N SER B 414 -13.95 22.79 9.75
CA SER B 414 -14.00 23.73 10.90
C SER B 414 -15.45 24.19 11.07
N PRO B 415 -16.00 24.15 12.30
CA PRO B 415 -17.37 24.62 12.54
C PRO B 415 -17.49 26.15 12.43
N ARG B 416 -16.36 26.87 12.60
CA ARG B 416 -16.28 28.36 12.62
C ARG B 416 -16.93 28.97 11.37
N VAL B 417 -17.72 30.03 11.58
CA VAL B 417 -18.49 30.79 10.55
C VAL B 417 -18.48 32.29 10.86
N ASP B 418 -17.60 32.76 11.76
CA ASP B 418 -17.67 34.12 12.37
C ASP B 418 -17.04 35.21 11.49
N THR B 419 -16.04 34.89 10.65
CA THR B 419 -15.41 35.86 9.70
C THR B 419 -15.67 35.38 8.28
N PRO B 420 -15.46 36.25 7.26
CA PRO B 420 -15.72 35.89 5.86
C PRO B 420 -14.75 34.81 5.35
N PHE B 421 -13.52 34.78 5.88
CA PHE B 421 -12.47 33.75 5.66
C PHE B 421 -13.04 32.35 5.96
N TRP B 422 -13.40 32.11 7.22
CA TRP B 422 -13.95 30.80 7.67
C TRP B 422 -15.21 30.42 6.88
N ARG B 423 -16.03 31.40 6.49
CA ARG B 423 -17.25 31.15 5.70
C ARG B 423 -16.85 30.71 4.29
N ALA B 424 -15.84 31.35 3.69
CA ALA B 424 -15.43 31.10 2.28
C ALA B 424 -14.80 29.70 2.19
N ASN B 425 -14.15 29.23 3.24
CA ASN B 425 -13.66 27.83 3.34
C ASN B 425 -14.78 26.86 2.95
N LYS B 426 -16.03 27.13 3.39
CA LYS B 426 -17.17 26.20 3.15
C LYS B 426 -17.70 26.39 1.73
N GLU B 427 -17.27 27.45 1.05
CA GLU B 427 -17.62 27.79 -0.37
C GLU B 427 -16.75 26.97 -1.33
N LEU B 428 -15.51 26.61 -0.92
CA LEU B 428 -14.54 25.84 -1.74
C LEU B 428 -15.14 24.50 -2.14
N LYS B 429 -14.86 24.03 -3.36
CA LYS B 429 -15.13 22.63 -3.77
C LYS B 429 -14.09 21.72 -3.10
N LEU B 430 -14.52 20.54 -2.63
CA LEU B 430 -13.64 19.46 -2.14
C LEU B 430 -13.23 18.63 -3.34
N ALA B 431 -11.98 18.18 -3.40
CA ALA B 431 -11.56 17.20 -4.43
C ALA B 431 -12.38 15.93 -4.18
N ASP B 432 -12.74 15.21 -5.25
CA ASP B 432 -13.43 13.91 -5.15
C ASP B 432 -12.72 13.05 -4.10
N SER B 433 -11.40 12.91 -4.22
CA SER B 433 -10.55 12.02 -3.39
C SER B 433 -10.92 12.16 -1.91
N ILE B 434 -11.09 13.38 -1.41
CA ILE B 434 -11.32 13.67 0.05
C ILE B 434 -12.81 13.58 0.41
N LYS B 435 -13.71 13.72 -0.57
CA LYS B 435 -15.17 13.50 -0.38
C LYS B 435 -15.39 12.00 -0.10
N ASP B 436 -14.80 11.15 -0.93
CA ASP B 436 -14.83 9.67 -0.80
C ASP B 436 -14.38 9.25 0.62
N LYS B 437 -13.31 9.85 1.15
CA LYS B 437 -12.70 9.45 2.44
C LYS B 437 -13.60 9.91 3.58
N VAL B 438 -14.24 11.08 3.41
CA VAL B 438 -15.24 11.61 4.38
C VAL B 438 -16.42 10.64 4.46
N GLU B 439 -16.94 10.24 3.31
CA GLU B 439 -18.07 9.28 3.19
C GLU B 439 -17.68 7.97 3.91
N THR B 440 -16.43 7.51 3.74
CA THR B 440 -15.94 6.23 4.29
C THR B 440 -15.92 6.35 5.82
N TYR B 441 -15.35 7.42 6.32
CA TYR B 441 -15.22 7.72 7.77
C TYR B 441 -16.62 7.78 8.39
N ARG B 442 -17.53 8.44 7.68
CA ARG B 442 -18.90 8.75 8.19
C ARG B 442 -19.71 7.46 8.33
N ALA B 443 -19.39 6.41 7.55
CA ALA B 443 -19.99 5.07 7.69
C ALA B 443 -19.30 4.26 8.78
N GLY B 444 -18.32 4.82 9.49
CA GLY B 444 -17.60 4.15 10.60
C GLY B 444 -16.46 3.28 10.12
N LEU B 445 -16.17 3.25 8.80
CA LEU B 445 -15.05 2.47 8.22
C LEU B 445 -13.73 3.21 8.44
N PRO B 446 -12.62 2.46 8.54
CA PRO B 446 -11.30 3.07 8.58
C PRO B 446 -10.97 3.69 7.22
N VAL B 447 -10.14 4.73 7.25
CA VAL B 447 -9.59 5.40 6.04
C VAL B 447 -8.09 5.13 6.02
N ASN B 448 -7.58 4.48 4.97
CA ASN B 448 -6.11 4.29 4.79
C ASN B 448 -5.56 3.58 6.02
N LEU B 449 -6.01 2.37 6.28
CA LEU B 449 -5.57 1.53 7.43
C LEU B 449 -4.06 1.34 7.34
N PRO B 450 -3.27 1.61 8.40
CA PRO B 450 -1.83 1.34 8.36
C PRO B 450 -1.52 -0.16 8.47
N VAL B 451 -0.42 -0.59 7.88
CA VAL B 451 -0.04 -2.03 7.75
C VAL B 451 1.20 -2.38 8.58
N THR B 452 1.90 -1.39 9.18
CA THR B 452 3.28 -1.53 9.72
C THR B 452 3.31 -1.60 11.26
N ASP B 453 4.43 -2.05 11.83
CA ASP B 453 4.76 -2.01 13.28
C ASP B 453 5.90 -1.01 13.54
N GLU B 454 6.69 -0.68 12.51
CA GLU B 454 7.94 0.14 12.57
C GLU B 454 7.65 1.58 13.03
N GLY B 455 6.54 2.19 12.62
CA GLY B 455 6.13 3.57 13.00
C GLY B 455 7.29 4.56 12.98
N ASN B 460 10.44 2.18 7.35
CA ASN B 460 10.73 2.11 5.90
C ASN B 460 9.95 3.24 5.18
N PHE B 461 10.67 4.25 4.68
CA PHE B 461 10.10 5.44 3.98
C PHE B 461 9.06 5.00 2.93
N GLU B 462 9.33 3.90 2.22
CA GLU B 462 8.53 3.44 1.05
C GLU B 462 7.11 3.11 1.51
N ALA B 463 6.95 2.52 2.71
CA ALA B 463 5.65 2.14 3.32
C ALA B 463 4.85 3.40 3.66
N GLU B 464 5.52 4.38 4.28
CA GLU B 464 4.92 5.68 4.65
C GLU B 464 4.57 6.47 3.38
N PHE B 465 5.39 6.47 2.33
CA PHE B 465 5.16 7.32 1.13
C PHE B 465 3.87 6.88 0.39
N ARG B 466 3.55 5.58 0.36
CA ARG B 466 2.40 5.01 -0.40
C ARG B 466 1.08 5.22 0.37
N ASN B 467 1.15 5.50 1.67
CA ASN B 467 -0.04 5.61 2.56
C ASN B 467 0.32 6.64 3.63
N PHE B 468 0.46 7.91 3.24
CA PHE B 468 1.19 8.87 4.13
C PHE B 468 0.30 9.28 5.30
N TRP B 469 -0.91 9.74 4.98
CA TRP B 469 -1.92 10.16 5.99
C TRP B 469 -2.84 8.97 6.27
N THR B 470 -2.60 8.28 7.39
CA THR B 470 -3.28 7.01 7.75
C THR B 470 -4.58 7.29 8.53
N ASN B 471 -5.36 6.23 8.75
CA ASN B 471 -6.58 6.17 9.58
C ASN B 471 -6.46 7.07 10.81
N GLY B 472 -5.38 6.96 11.56
CA GLY B 472 -5.19 7.67 12.84
C GLY B 472 -5.17 9.19 12.64
N SER B 473 -4.59 9.63 11.54
CA SER B 473 -4.42 11.07 11.23
C SER B 473 -5.76 11.65 10.81
N TYR B 474 -6.55 10.93 9.99
CA TYR B 474 -7.93 11.33 9.64
C TYR B 474 -8.75 11.45 10.94
N TYR B 475 -8.67 10.50 11.88
CA TYR B 475 -9.43 10.56 13.15
C TYR B 475 -8.99 11.80 13.94
N CYS B 476 -7.67 12.02 14.08
CA CYS B 476 -7.14 13.17 14.85
C CYS B 476 -7.78 14.48 14.37
N ILE B 477 -7.95 14.64 13.05
CA ILE B 477 -8.43 15.92 12.44
C ILE B 477 -9.96 15.95 12.43
N PHE B 478 -10.62 14.94 11.85
CA PHE B 478 -12.10 14.81 11.85
C PHE B 478 -12.66 14.94 13.27
N ALA B 479 -12.34 14.01 14.15
CA ALA B 479 -12.87 13.99 15.53
C ALA B 479 -12.45 15.26 16.27
N GLY B 480 -11.21 15.73 16.07
CA GLY B 480 -10.71 16.95 16.72
C GLY B 480 -11.56 18.16 16.36
N LEU B 481 -12.02 18.25 15.10
CA LEU B 481 -12.84 19.40 14.66
C LEU B 481 -14.32 19.15 15.00
N GLY B 482 -14.65 17.94 15.45
CA GLY B 482 -16.00 17.56 15.91
C GLY B 482 -16.78 16.80 14.87
N LEU B 483 -16.18 16.45 13.73
CA LEU B 483 -16.86 15.57 12.75
C LEU B 483 -16.75 14.13 13.25
N MET B 484 -17.88 13.44 13.38
CA MET B 484 -17.93 12.04 13.89
C MET B 484 -18.55 11.16 12.83
N PRO B 485 -18.32 9.83 12.87
CA PRO B 485 -19.11 8.92 12.04
C PRO B 485 -20.60 9.07 12.40
N ARG B 486 -21.50 8.78 11.45
CA ARG B 486 -22.96 8.73 11.65
C ARG B 486 -23.26 7.75 12.80
N ASN B 487 -22.57 6.61 12.82
CA ASN B 487 -22.77 5.50 13.79
C ASN B 487 -21.47 4.76 13.99
N PRO B 488 -21.33 3.98 15.07
CA PRO B 488 -20.23 3.03 15.19
C PRO B 488 -20.15 2.10 13.96
N LEU B 489 -18.98 1.49 13.78
CA LEU B 489 -18.75 0.39 12.82
C LEU B 489 -19.68 -0.76 13.15
N PRO B 490 -20.66 -1.08 12.26
CA PRO B 490 -21.68 -2.08 12.57
C PRO B 490 -21.14 -3.42 13.08
N ALA B 491 -19.98 -3.87 12.58
CA ALA B 491 -19.36 -5.17 12.97
C ALA B 491 -19.16 -5.21 14.47
N LEU B 492 -18.95 -4.06 15.13
CA LEU B 492 -18.68 -4.00 16.59
C LEU B 492 -19.89 -4.48 17.41
N ALA B 493 -21.09 -4.37 16.85
CA ALA B 493 -22.35 -4.79 17.50
C ALA B 493 -22.36 -6.32 17.65
N TYR B 494 -21.54 -7.04 16.88
CA TYR B 494 -21.50 -8.52 16.87
C TYR B 494 -20.24 -9.08 17.54
N LYS B 495 -19.46 -8.25 18.23
CA LYS B 495 -18.08 -8.62 18.67
C LYS B 495 -17.82 -8.23 20.12
N PRO B 496 -18.64 -8.75 21.08
CA PRO B 496 -18.44 -8.45 22.50
C PRO B 496 -17.04 -8.80 23.03
N GLN B 497 -16.45 -9.94 22.62
CA GLN B 497 -15.06 -10.30 23.01
C GLN B 497 -14.05 -9.23 22.56
N SER B 498 -14.29 -8.63 21.38
CA SER B 498 -13.38 -7.63 20.77
C SER B 498 -13.49 -6.31 21.54
N ILE B 499 -14.71 -5.89 21.86
CA ILE B 499 -14.99 -4.71 22.75
C ILE B 499 -14.12 -4.84 23.99
N ALA B 500 -14.16 -6.03 24.62
CA ALA B 500 -13.50 -6.29 25.92
C ALA B 500 -11.97 -6.23 25.73
N GLU B 501 -11.47 -6.80 24.64
CA GLU B 501 -10.02 -6.77 24.27
C GLU B 501 -9.62 -5.30 24.13
N ALA B 502 -10.46 -4.49 23.49
CA ALA B 502 -10.20 -3.03 23.31
C ALA B 502 -10.13 -2.32 24.67
N GLU B 503 -10.88 -2.79 25.66
CA GLU B 503 -10.94 -2.15 27.00
C GLU B 503 -9.56 -2.28 27.66
N LEU B 504 -8.89 -3.41 27.46
CA LEU B 504 -7.51 -3.61 27.97
C LEU B 504 -6.56 -2.62 27.27
N LEU B 505 -6.75 -2.37 25.97
CA LEU B 505 -5.87 -1.47 25.19
C LEU B 505 -6.01 -0.04 25.74
N PHE B 506 -7.24 0.40 26.05
CA PHE B 506 -7.50 1.76 26.61
C PHE B 506 -6.80 1.88 27.96
N ALA B 507 -6.90 0.81 28.76
CA ALA B 507 -6.26 0.70 30.09
C ALA B 507 -4.74 0.81 29.92
N ASP B 508 -4.15 0.03 29.01
CA ASP B 508 -2.71 0.10 28.65
C ASP B 508 -2.33 1.55 28.29
N VAL B 509 -3.14 2.26 27.49
CA VAL B 509 -2.82 3.68 27.11
C VAL B 509 -2.78 4.56 28.37
N LYS B 510 -3.76 4.40 29.27
CA LYS B 510 -3.89 5.19 30.53
C LYS B 510 -2.64 4.92 31.39
N ARG B 511 -2.31 3.65 31.63
CA ARG B 511 -1.20 3.19 32.50
C ARG B 511 0.14 3.73 31.99
N LYS B 512 0.45 3.49 30.71
CA LYS B 512 1.73 3.91 30.10
C LYS B 512 1.79 5.44 30.09
N GLY B 513 0.70 6.14 29.77
CA GLY B 513 0.59 7.62 29.90
C GLY B 513 1.00 8.08 31.29
N ASP B 514 0.40 7.51 32.33
CA ASP B 514 0.66 7.86 33.75
C ASP B 514 2.10 7.47 34.11
N THR B 515 2.54 6.24 33.82
CA THR B 515 3.91 5.74 34.12
C THR B 515 4.93 6.71 33.50
N LEU B 516 4.76 7.07 32.22
CA LEU B 516 5.72 7.88 31.45
C LEU B 516 5.64 9.36 31.87
N VAL B 517 4.46 9.88 32.20
CA VAL B 517 4.33 11.32 32.62
C VAL B 517 5.13 11.52 33.91
N GLU B 518 5.44 10.44 34.62
CA GLU B 518 6.15 10.45 35.93
C GLU B 518 7.66 10.19 35.71
N SER B 519 8.05 9.26 34.82
CA SER B 519 9.45 8.77 34.68
C SER B 519 10.26 9.58 33.64
N LEU B 520 9.61 10.35 32.77
CA LEU B 520 10.28 11.08 31.66
C LEU B 520 10.82 12.43 32.14
N PRO B 521 11.98 12.88 31.63
CA PRO B 521 12.43 14.25 31.83
C PRO B 521 11.58 15.23 30.99
N SER B 522 11.62 16.50 31.37
CA SER B 522 10.95 17.61 30.63
C SER B 522 11.64 17.73 29.28
N THR B 523 10.94 18.25 28.28
CA THR B 523 11.57 18.62 27.00
C THR B 523 12.80 19.47 27.34
N TYR B 524 12.60 20.50 28.18
CA TYR B 524 13.66 21.46 28.61
C TYR B 524 14.92 20.72 29.05
N ASP B 525 14.79 19.78 29.98
CA ASP B 525 15.96 19.10 30.60
C ASP B 525 16.64 18.22 29.55
N LEU B 526 15.90 17.61 28.62
CA LEU B 526 16.51 16.76 27.56
C LEU B 526 17.30 17.66 26.61
N LEU B 527 16.72 18.81 26.22
CA LEU B 527 17.38 19.78 25.30
C LEU B 527 18.67 20.29 25.94
N ARG B 528 18.60 20.75 27.19
CA ARG B 528 19.78 21.20 27.98
C ARG B 528 20.89 20.13 27.92
N GLN B 529 20.56 18.84 28.14
CA GLN B 529 21.57 17.75 28.07
C GLN B 529 22.11 17.60 26.64
N LEU B 530 21.25 17.71 25.63
CA LEU B 530 21.58 17.44 24.20
C LEU B 530 22.57 18.48 23.66
N HIS B 531 22.35 19.76 23.95
CA HIS B 531 23.13 20.90 23.40
C HIS B 531 24.36 21.19 24.29
N GLY B 532 25.29 20.22 24.34
CA GLY B 532 26.61 20.32 24.98
C GLY B 532 27.31 21.62 24.61
#